data_7CML
#
_entry.id   7CML
#
_cell.length_a   102.004
_cell.length_b   102.004
_cell.length_c   70.088
_cell.angle_alpha   90.000
_cell.angle_beta   90.000
_cell.angle_gamma   90.000
#
_symmetry.space_group_name_H-M   'P 4'
#
loop_
_entity.id
_entity.type
_entity.pdbx_description
1 polymer 'Mitogen-activated protein kinase 9'
2 water water
#
_entity_poly.entity_id   1
_entity_poly.type   'polypeptide(L)'
_entity_poly.pdbx_seq_one_letter_code
;MGGSHHHHHHENLYFQGMSKSKVDNQFYSVEVADSTFTVLKRYQQLKPIGSGAQGIVCAAFDTVLGINVAVKKLSRPFQN
QTHAKRAYRELVLLKCVNHKNIISLLNVFTPQKTLEEFQDVYLVMELMDANLCQVIHMELDHERMSYLLYQMLCGIKHLH
SAGIIHRDLKPSNIVVKSDCTLKILDFGLARTACTNFMMTPYVVTRYYRAPEVILGMGYAANVDIWSVGCIMGELVKGCV
IFQGTDHIDQWNKVIEQLGTPSAEFMAALQPTVRNYVENRPKYPGIKFEELFPDWIFPSESERDKIKTSQARDLLSKMLV
IDPDKRISVDEALRHPYITVWYDPAEAEAPPPQIYDAQLEEREHAIEEWKELIYKEVMDWE
;
_entity_poly.pdbx_strand_id   A,B
#
# COMPACT_ATOMS: atom_id res chain seq x y z
N MET A 18 -7.19 23.09 2.82
CA MET A 18 -6.81 21.71 2.40
C MET A 18 -6.35 21.73 0.93
N SER A 19 -5.04 21.85 0.72
CA SER A 19 -4.37 21.81 -0.61
C SER A 19 -4.48 20.41 -1.21
N LYS A 20 -4.65 20.32 -2.53
CA LYS A 20 -4.83 19.03 -3.28
C LYS A 20 -3.44 18.48 -3.62
N SER A 21 -3.33 17.15 -3.73
CA SER A 21 -2.06 16.42 -4.05
C SER A 21 -1.52 16.89 -5.41
N LYS A 22 -0.27 17.34 -5.46
CA LYS A 22 0.31 17.97 -6.68
C LYS A 22 0.70 16.89 -7.70
N VAL A 23 1.45 15.85 -7.32
CA VAL A 23 1.92 14.79 -8.26
C VAL A 23 0.71 14.14 -8.97
N ASP A 24 -0.48 14.18 -8.34
CA ASP A 24 -1.69 13.46 -8.78
C ASP A 24 -2.68 14.41 -9.47
N ASN A 25 -2.46 15.74 -9.43
CA ASN A 25 -3.44 16.74 -9.94
C ASN A 25 -2.83 17.70 -10.96
N GLN A 26 -1.50 17.85 -11.05
CA GLN A 26 -0.88 18.85 -11.96
C GLN A 26 -0.15 18.13 -13.11
N PHE A 27 -0.18 18.75 -14.30
CA PHE A 27 0.22 18.15 -15.59
C PHE A 27 1.48 18.83 -16.11
N TYR A 28 2.27 18.08 -16.89
CA TYR A 28 3.32 18.62 -17.79
C TYR A 28 3.11 18.00 -19.17
N SER A 29 3.54 18.72 -20.21
CA SER A 29 3.52 18.29 -21.62
C SER A 29 4.92 17.84 -22.01
N VAL A 30 5.01 16.77 -22.79
CA VAL A 30 6.25 16.31 -23.46
C VAL A 30 5.86 15.95 -24.89
N GLU A 31 6.64 16.39 -25.88
CA GLU A 31 6.33 16.13 -27.31
C GLU A 31 6.83 14.72 -27.64
N VAL A 32 5.97 13.93 -28.31
CA VAL A 32 6.25 12.53 -28.75
C VAL A 32 5.56 12.33 -30.11
N ALA A 33 6.36 12.10 -31.15
CA ALA A 33 5.91 11.91 -32.56
C ALA A 33 5.02 13.09 -32.98
N ASP A 34 3.77 12.83 -33.36
CA ASP A 34 2.85 13.81 -34.00
C ASP A 34 1.90 14.42 -32.95
N SER A 35 2.16 14.21 -31.65
CA SER A 35 1.19 14.50 -30.57
C SER A 35 1.89 14.98 -29.28
N THR A 36 1.27 15.95 -28.61
CA THR A 36 1.60 16.39 -27.22
C THR A 36 1.05 15.36 -26.23
N PHE A 37 1.93 14.68 -25.49
CA PHE A 37 1.57 13.87 -24.30
C PHE A 37 1.50 14.78 -23.07
N THR A 38 0.29 15.02 -22.57
CA THR A 38 -0.01 15.83 -21.37
C THR A 38 -0.44 14.90 -20.23
N VAL A 39 0.46 14.60 -19.30
CA VAL A 39 0.30 13.53 -18.26
C VAL A 39 0.45 14.13 -16.85
N LEU A 40 -0.07 13.43 -15.85
CA LEU A 40 0.13 13.79 -14.42
C LEU A 40 1.63 13.74 -14.08
N LYS A 41 2.06 14.61 -13.17
CA LYS A 41 3.48 14.78 -12.76
C LYS A 41 4.06 13.46 -12.25
N ARG A 42 3.23 12.59 -11.64
CA ARG A 42 3.62 11.26 -11.11
C ARG A 42 4.30 10.40 -12.19
N TYR A 43 3.93 10.55 -13.46
CA TYR A 43 4.45 9.74 -14.60
C TYR A 43 5.68 10.43 -15.22
N GLN A 44 6.85 9.81 -15.11
CA GLN A 44 8.15 10.42 -15.48
C GLN A 44 8.85 9.57 -16.54
N GLN A 45 9.97 10.11 -17.07
CA GLN A 45 10.87 9.52 -18.10
C GLN A 45 10.05 8.78 -19.16
N LEU A 46 9.12 9.50 -19.81
CA LEU A 46 8.25 8.96 -20.89
C LEU A 46 9.10 8.67 -22.13
N LYS A 47 8.98 7.45 -22.68
CA LYS A 47 9.63 6.97 -23.93
C LYS A 47 8.60 6.24 -24.78
N PRO A 48 8.51 6.52 -26.10
CA PRO A 48 7.53 5.84 -26.95
C PRO A 48 7.85 4.33 -27.06
N ILE A 49 6.80 3.49 -27.14
CA ILE A 49 6.90 2.03 -27.40
C ILE A 49 5.82 1.66 -28.41
N ALA A 53 -2.96 2.40 -34.61
CA ALA A 53 -4.34 2.83 -34.94
C ALA A 53 -5.09 3.17 -33.66
N GLN A 54 -4.92 2.36 -32.60
CA GLN A 54 -5.56 2.55 -31.26
C GLN A 54 -5.09 3.87 -30.66
N GLY A 55 -3.80 4.18 -30.78
CA GLY A 55 -3.19 5.44 -30.30
C GLY A 55 -1.71 5.27 -30.00
N ILE A 56 -1.07 6.30 -29.45
CA ILE A 56 0.38 6.31 -29.10
C ILE A 56 0.53 5.79 -27.67
N VAL A 57 1.55 4.95 -27.42
CA VAL A 57 1.82 4.28 -26.12
C VAL A 57 3.26 4.61 -25.70
N CYS A 58 3.41 5.30 -24.58
CA CYS A 58 4.74 5.57 -23.94
C CYS A 58 4.90 4.66 -22.73
N ALA A 59 6.08 4.06 -22.57
CA ALA A 59 6.58 3.52 -21.29
C ALA A 59 6.90 4.72 -20.39
N ALA A 60 6.65 4.61 -19.09
CA ALA A 60 6.94 5.66 -18.08
C ALA A 60 7.29 5.01 -16.73
N PHE A 61 7.71 5.84 -15.77
CA PHE A 61 7.87 5.45 -14.35
C PHE A 61 6.84 6.22 -13.52
N ASP A 62 5.98 5.50 -12.81
CA ASP A 62 5.02 6.06 -11.83
C ASP A 62 5.76 6.21 -10.50
N THR A 63 6.11 7.44 -10.13
CA THR A 63 6.92 7.78 -8.91
C THR A 63 6.10 7.50 -7.64
N VAL A 64 4.76 7.53 -7.72
CA VAL A 64 3.86 7.22 -6.58
C VAL A 64 3.90 5.70 -6.29
N LEU A 65 3.68 4.86 -7.30
CA LEU A 65 3.66 3.37 -7.17
C LEU A 65 5.09 2.81 -7.16
N GLY A 66 6.05 3.55 -7.74
CA GLY A 66 7.45 3.11 -7.87
C GLY A 66 7.62 1.96 -8.84
N ILE A 67 6.80 1.90 -9.90
CA ILE A 67 6.81 0.80 -10.91
C ILE A 67 6.81 1.40 -12.32
N ASN A 68 7.24 0.60 -13.30
CA ASN A 68 7.16 0.93 -14.76
C ASN A 68 5.70 0.81 -15.19
N VAL A 69 5.23 1.72 -16.03
CA VAL A 69 3.84 1.74 -16.56
C VAL A 69 3.87 2.07 -18.05
N ALA A 70 2.83 1.66 -18.77
CA ALA A 70 2.54 2.06 -20.16
C ALA A 70 1.42 3.12 -20.12
N VAL A 71 1.66 4.29 -20.71
CA VAL A 71 0.63 5.37 -20.85
C VAL A 71 0.18 5.40 -22.32
N LYS A 72 -1.10 5.13 -22.57
CA LYS A 72 -1.72 5.15 -23.92
C LYS A 72 -2.63 6.38 -24.01
N LYS A 73 -2.36 7.27 -24.97
CA LYS A 73 -3.22 8.43 -25.31
C LYS A 73 -4.23 7.99 -26.38
N LEU A 74 -5.52 8.16 -26.10
CA LEU A 74 -6.62 8.09 -27.09
C LEU A 74 -7.07 9.52 -27.37
N SER A 75 -6.74 10.07 -28.54
CA SER A 75 -7.16 11.42 -28.98
C SER A 75 -8.55 11.33 -29.65
N ARG A 76 -9.48 12.17 -29.20
CA ARG A 76 -10.87 12.29 -29.73
C ARG A 76 -11.43 10.91 -30.06
N PRO A 77 -11.52 9.98 -29.09
CA PRO A 77 -12.05 8.63 -29.33
C PRO A 77 -13.55 8.65 -29.70
N PHE A 78 -14.27 9.66 -29.24
CA PHE A 78 -15.73 9.88 -29.47
C PHE A 78 -15.98 10.42 -30.89
N GLN A 79 -14.95 10.94 -31.56
CA GLN A 79 -15.06 11.62 -32.89
C GLN A 79 -15.45 10.61 -33.98
N ASN A 80 -15.25 9.31 -33.76
CA ASN A 80 -15.60 8.21 -34.68
C ASN A 80 -16.37 7.12 -33.92
N GLN A 81 -17.42 6.54 -34.53
CA GLN A 81 -18.26 5.46 -33.95
C GLN A 81 -17.39 4.23 -33.60
N THR A 82 -16.46 3.88 -34.49
CA THR A 82 -15.62 2.66 -34.40
C THR A 82 -14.57 2.86 -33.31
N HIS A 83 -13.96 4.05 -33.24
CA HIS A 83 -13.00 4.46 -32.18
C HIS A 83 -13.72 4.53 -30.83
N ALA A 84 -14.94 5.09 -30.81
CA ALA A 84 -15.79 5.23 -29.59
C ALA A 84 -16.06 3.83 -29.01
N LYS A 85 -16.49 2.89 -29.86
CA LYS A 85 -16.71 1.46 -29.53
C LYS A 85 -15.48 0.91 -28.81
N ARG A 86 -14.33 0.87 -29.49
CA ARG A 86 -13.01 0.42 -28.95
C ARG A 86 -12.79 1.03 -27.56
N ALA A 87 -12.83 2.36 -27.47
CA ALA A 87 -12.51 3.15 -26.26
C ALA A 87 -13.45 2.75 -25.13
N TYR A 88 -14.77 2.73 -25.39
CA TYR A 88 -15.79 2.47 -24.35
C TYR A 88 -15.68 1.02 -23.86
N ARG A 89 -15.43 0.06 -24.76
CA ARG A 89 -15.31 -1.37 -24.41
C ARG A 89 -14.04 -1.54 -23.56
N GLU A 90 -12.92 -0.98 -24.00
CA GLU A 90 -11.60 -1.08 -23.33
C GLU A 90 -11.71 -0.51 -21.90
N LEU A 91 -12.35 0.65 -21.73
CA LEU A 91 -12.49 1.33 -20.41
C LEU A 91 -13.31 0.47 -19.44
N VAL A 92 -14.43 -0.08 -19.91
CA VAL A 92 -15.40 -0.85 -19.06
C VAL A 92 -14.85 -2.27 -18.84
N LEU A 93 -14.26 -2.89 -19.86
CA LEU A 93 -13.67 -4.25 -19.78
C LEU A 93 -12.48 -4.24 -18.81
N LEU A 94 -11.53 -3.31 -18.99
CA LEU A 94 -10.32 -3.20 -18.14
C LEU A 94 -10.72 -2.85 -16.69
N LYS A 95 -11.80 -2.09 -16.49
CA LYS A 95 -12.29 -1.73 -15.13
C LYS A 95 -12.88 -2.96 -14.43
N CYS A 96 -13.56 -3.85 -15.18
CA CYS A 96 -14.21 -5.08 -14.67
C CYS A 96 -13.18 -6.06 -14.09
N VAL A 97 -11.98 -6.08 -14.67
CA VAL A 97 -11.05 -7.26 -14.65
C VAL A 97 -9.80 -6.98 -13.81
N ASN A 98 -9.71 -5.81 -13.15
CA ASN A 98 -8.56 -5.44 -12.28
C ASN A 98 -8.41 -6.48 -11.17
N HIS A 99 -7.21 -7.08 -11.06
CA HIS A 99 -6.89 -8.16 -10.09
C HIS A 99 -5.36 -8.25 -9.93
N LYS A 100 -4.87 -8.71 -8.79
CA LYS A 100 -3.40 -8.73 -8.53
C LYS A 100 -2.71 -9.68 -9.53
N ASN A 101 -3.43 -10.68 -10.07
CA ASN A 101 -2.89 -11.74 -10.96
C ASN A 101 -3.25 -11.46 -12.43
N ILE A 102 -3.65 -10.22 -12.75
CA ILE A 102 -3.94 -9.78 -14.16
C ILE A 102 -3.27 -8.43 -14.40
N ILE A 103 -2.54 -8.29 -15.52
CA ILE A 103 -2.03 -6.98 -16.01
C ILE A 103 -3.24 -6.06 -16.14
N SER A 104 -3.32 -5.08 -15.23
CA SER A 104 -4.55 -4.34 -14.88
C SER A 104 -4.43 -2.86 -15.26
N LEU A 105 -5.57 -2.20 -15.44
CA LEU A 105 -5.70 -0.72 -15.60
C LEU A 105 -5.45 -0.05 -14.23
N LEU A 106 -4.38 0.73 -14.12
CA LEU A 106 -3.95 1.41 -12.86
C LEU A 106 -4.59 2.79 -12.73
N ASN A 107 -4.78 3.49 -13.86
CA ASN A 107 -5.29 4.89 -13.84
C ASN A 107 -5.89 5.23 -15.21
N VAL A 108 -6.91 6.08 -15.19
CA VAL A 108 -7.51 6.76 -16.37
C VAL A 108 -7.61 8.23 -16.00
N PHE A 109 -7.13 9.14 -16.85
CA PHE A 109 -7.22 10.60 -16.62
C PHE A 109 -7.37 11.34 -17.95
N THR A 110 -7.92 12.55 -17.89
CA THR A 110 -7.97 13.54 -19.00
C THR A 110 -7.44 14.88 -18.48
N PRO A 111 -6.56 15.58 -19.24
CA PRO A 111 -6.15 16.94 -18.86
C PRO A 111 -7.32 17.94 -18.86
N GLN A 112 -8.35 17.70 -19.68
CA GLN A 112 -9.49 18.63 -19.88
C GLN A 112 -10.45 18.48 -18.71
N LYS A 113 -11.11 19.59 -18.32
CA LYS A 113 -11.74 19.75 -16.98
C LYS A 113 -13.27 19.80 -17.10
N THR A 114 -13.82 19.64 -18.30
CA THR A 114 -15.30 19.65 -18.52
C THR A 114 -15.67 18.80 -19.75
N LEU A 115 -16.94 18.36 -19.80
CA LEU A 115 -17.53 17.55 -20.91
C LEU A 115 -17.36 18.29 -22.23
N GLU A 116 -17.66 19.61 -22.25
CA GLU A 116 -17.56 20.49 -23.45
C GLU A 116 -16.13 20.45 -24.00
N GLU A 117 -15.12 20.55 -23.12
CA GLU A 117 -13.69 20.71 -23.49
C GLU A 117 -13.03 19.35 -23.67
N PHE A 118 -13.62 18.29 -23.12
CA PHE A 118 -13.08 16.89 -23.11
C PHE A 118 -12.68 16.48 -24.53
N GLN A 119 -11.40 16.13 -24.71
CA GLN A 119 -10.80 15.68 -26.00
C GLN A 119 -10.15 14.30 -25.85
N ASP A 120 -9.25 14.14 -24.87
CA ASP A 120 -8.25 13.04 -24.81
C ASP A 120 -8.46 12.19 -23.56
N VAL A 121 -8.19 10.89 -23.68
CA VAL A 121 -8.23 9.90 -22.57
C VAL A 121 -6.86 9.23 -22.51
N TYR A 122 -6.25 9.19 -21.33
CA TYR A 122 -4.99 8.47 -21.06
C TYR A 122 -5.32 7.22 -20.22
N LEU A 123 -4.92 6.04 -20.70
CA LEU A 123 -5.00 4.77 -19.94
C LEU A 123 -3.59 4.45 -19.42
N VAL A 124 -3.47 4.10 -18.15
CA VAL A 124 -2.17 3.69 -17.53
C VAL A 124 -2.27 2.20 -17.14
N MET A 125 -1.38 1.40 -17.70
CA MET A 125 -1.28 -0.08 -17.48
C MET A 125 0.04 -0.36 -16.77
N GLU A 126 0.08 -1.41 -15.94
CA GLU A 126 1.35 -2.04 -15.48
C GLU A 126 2.13 -2.41 -16.75
N LEU A 127 3.45 -2.19 -16.76
CA LEU A 127 4.32 -2.52 -17.92
C LEU A 127 5.12 -3.77 -17.60
N MET A 128 4.80 -4.89 -18.27
CA MET A 128 5.43 -6.22 -18.10
C MET A 128 5.23 -7.03 -19.39
N GLN A 134 10.70 -18.21 -19.46
CA GLN A 134 11.89 -18.34 -18.58
C GLN A 134 11.58 -19.32 -17.43
N VAL A 135 10.57 -19.01 -16.63
CA VAL A 135 10.26 -19.70 -15.34
C VAL A 135 9.86 -21.16 -15.62
N ILE A 136 9.43 -21.46 -16.85
CA ILE A 136 9.22 -22.85 -17.36
C ILE A 136 10.44 -23.70 -17.02
N HIS A 137 11.63 -23.28 -17.45
CA HIS A 137 12.91 -24.06 -17.37
C HIS A 137 13.66 -23.76 -16.08
N MET A 138 13.07 -22.97 -15.17
CA MET A 138 13.57 -22.72 -13.80
C MET A 138 13.24 -23.93 -12.91
N GLU A 139 14.20 -24.42 -12.13
CA GLU A 139 13.98 -25.51 -11.13
C GLU A 139 13.09 -24.97 -10.01
N LEU A 140 11.85 -25.46 -9.94
CA LEU A 140 10.87 -25.09 -8.88
C LEU A 140 10.65 -26.28 -7.94
N ASP A 141 10.26 -25.98 -6.71
CA ASP A 141 9.78 -26.96 -5.70
C ASP A 141 8.25 -26.92 -5.70
N HIS A 142 7.62 -27.76 -4.88
CA HIS A 142 6.14 -27.91 -4.78
C HIS A 142 5.53 -26.58 -4.30
N GLU A 143 6.15 -25.96 -3.29
CA GLU A 143 5.69 -24.66 -2.73
C GLU A 143 5.51 -23.63 -3.87
N ARG A 144 6.52 -23.45 -4.70
CA ARG A 144 6.53 -22.40 -5.76
C ARG A 144 5.60 -22.82 -6.91
N MET A 145 5.67 -24.07 -7.35
CA MET A 145 4.81 -24.59 -8.45
C MET A 145 3.33 -24.41 -8.07
N SER A 146 2.94 -24.88 -6.89
CA SER A 146 1.53 -24.84 -6.43
C SER A 146 1.08 -23.37 -6.27
N TYR A 147 1.99 -22.46 -5.91
CA TYR A 147 1.70 -21.01 -5.75
C TYR A 147 1.47 -20.38 -7.13
N LEU A 148 2.35 -20.65 -8.09
CA LEU A 148 2.19 -20.18 -9.49
C LEU A 148 0.83 -20.65 -10.01
N LEU A 149 0.50 -21.93 -9.85
CA LEU A 149 -0.78 -22.53 -10.32
C LEU A 149 -1.95 -21.86 -9.61
N TYR A 150 -1.87 -21.71 -8.27
CA TYR A 150 -2.91 -21.03 -7.46
C TYR A 150 -3.21 -19.66 -8.09
N GLN A 151 -2.17 -18.92 -8.45
CA GLN A 151 -2.29 -17.52 -8.94
C GLN A 151 -2.92 -17.50 -10.33
N MET A 152 -2.47 -18.38 -11.23
CA MET A 152 -3.10 -18.62 -12.55
C MET A 152 -4.62 -18.79 -12.35
N LEU A 153 -5.00 -19.71 -11.47
CA LEU A 153 -6.42 -20.09 -11.22
C LEU A 153 -7.19 -18.90 -10.65
N CYS A 154 -6.60 -18.13 -9.74
CA CYS A 154 -7.20 -16.89 -9.19
C CYS A 154 -7.51 -15.90 -10.32
N GLY A 155 -6.55 -15.70 -11.22
CA GLY A 155 -6.66 -14.79 -12.38
C GLY A 155 -7.77 -15.23 -13.33
N ILE A 156 -7.85 -16.54 -13.61
CA ILE A 156 -8.87 -17.12 -14.52
C ILE A 156 -10.26 -17.00 -13.88
N LYS A 157 -10.38 -17.28 -12.58
CA LYS A 157 -11.66 -17.21 -11.83
C LYS A 157 -12.22 -15.78 -11.92
N HIS A 158 -11.39 -14.77 -11.67
CA HIS A 158 -11.76 -13.34 -11.73
C HIS A 158 -12.27 -12.99 -13.13
N LEU A 159 -11.53 -13.40 -14.18
CA LEU A 159 -11.92 -13.22 -15.61
C LEU A 159 -13.30 -13.84 -15.84
N HIS A 160 -13.48 -15.10 -15.45
CA HIS A 160 -14.75 -15.87 -15.65
C HIS A 160 -15.90 -15.14 -14.93
N SER A 161 -15.67 -14.65 -13.71
CA SER A 161 -16.68 -13.94 -12.88
C SER A 161 -17.12 -12.63 -13.55
N ALA A 162 -16.25 -12.02 -14.35
CA ALA A 162 -16.55 -10.81 -15.17
C ALA A 162 -17.06 -11.23 -16.56
N GLY A 163 -17.49 -12.49 -16.71
CA GLY A 163 -18.03 -13.04 -17.96
C GLY A 163 -17.02 -13.07 -19.10
N ILE A 164 -15.71 -13.16 -18.80
CA ILE A 164 -14.65 -13.29 -19.84
C ILE A 164 -13.98 -14.67 -19.73
N ILE A 165 -14.04 -15.44 -20.82
CA ILE A 165 -13.24 -16.69 -21.02
C ILE A 165 -11.98 -16.31 -21.82
N HIS A 166 -10.80 -16.61 -21.29
CA HIS A 166 -9.50 -16.18 -21.87
C HIS A 166 -9.30 -16.86 -23.23
N ARG A 167 -9.33 -18.20 -23.26
CA ARG A 167 -9.34 -19.03 -24.50
C ARG A 167 -7.93 -19.14 -25.11
N ASP A 168 -6.98 -18.31 -24.66
CA ASP A 168 -5.63 -18.19 -25.30
C ASP A 168 -4.51 -18.17 -24.25
N LEU A 169 -4.67 -18.90 -23.13
CA LEU A 169 -3.61 -18.98 -22.08
C LEU A 169 -2.45 -19.81 -22.61
N LYS A 170 -1.24 -19.30 -22.43
CA LYS A 170 0.03 -19.94 -22.89
C LYS A 170 1.18 -19.34 -22.09
N PRO A 171 2.36 -20.00 -22.05
CA PRO A 171 3.50 -19.47 -21.29
C PRO A 171 3.85 -18.01 -21.63
N SER A 172 3.69 -17.62 -22.90
CA SER A 172 4.15 -16.31 -23.46
C SER A 172 3.13 -15.19 -23.23
N ASN A 173 2.07 -15.40 -22.43
CA ASN A 173 1.20 -14.29 -21.97
C ASN A 173 1.01 -14.42 -20.45
N ILE A 174 1.98 -15.03 -19.77
CA ILE A 174 2.06 -15.10 -18.28
C ILE A 174 3.45 -14.57 -17.89
N VAL A 175 3.51 -13.64 -16.93
CA VAL A 175 4.80 -13.13 -16.37
C VAL A 175 4.86 -13.49 -14.88
N VAL A 176 6.06 -13.84 -14.42
CA VAL A 176 6.39 -14.13 -13.00
C VAL A 176 7.47 -13.14 -12.57
N LYS A 177 7.33 -12.54 -11.38
CA LYS A 177 8.41 -11.74 -10.73
C LYS A 177 9.33 -12.67 -9.94
N SER A 178 10.51 -12.19 -9.54
CA SER A 178 11.53 -12.95 -8.76
C SER A 178 10.92 -13.51 -7.47
N ASP A 179 9.94 -12.84 -6.88
CA ASP A 179 9.24 -13.26 -5.63
C ASP A 179 8.11 -14.26 -5.94
N CYS A 180 7.97 -14.67 -7.21
CA CYS A 180 7.02 -15.71 -7.70
C CYS A 180 5.58 -15.17 -7.73
N THR A 181 5.42 -13.84 -7.78
CA THR A 181 4.12 -13.16 -8.07
C THR A 181 3.84 -13.30 -9.56
N LEU A 182 2.65 -13.80 -9.92
CA LEU A 182 2.31 -14.15 -11.32
C LEU A 182 1.20 -13.22 -11.81
N LYS A 183 1.29 -12.79 -13.06
CA LYS A 183 0.22 -12.00 -13.74
C LYS A 183 0.00 -12.52 -15.17
N ILE A 184 -1.28 -12.60 -15.56
CA ILE A 184 -1.76 -12.88 -16.95
C ILE A 184 -1.79 -11.55 -17.72
N LEU A 185 -1.20 -11.52 -18.91
CA LEU A 185 -0.95 -10.27 -19.68
C LEU A 185 -2.17 -9.94 -20.56
N ASP A 186 -2.73 -10.93 -21.25
CA ASP A 186 -3.84 -10.75 -22.23
C ASP A 186 -5.13 -11.30 -21.66
N PHE A 187 -6.26 -10.79 -22.13
CA PHE A 187 -7.61 -11.41 -22.05
C PHE A 187 -8.46 -10.85 -23.21
N GLY A 188 -7.86 -10.80 -24.40
CA GLY A 188 -8.48 -10.31 -25.65
C GLY A 188 -8.35 -8.80 -25.78
N THR A 205 -0.61 -20.03 -29.86
CA THR A 205 -0.43 -21.25 -30.69
C THR A 205 -1.43 -22.32 -30.27
N ARG A 206 -1.56 -23.37 -31.09
CA ARG A 206 -2.57 -24.46 -30.96
C ARG A 206 -2.21 -25.42 -29.82
N TYR A 207 -0.99 -25.37 -29.27
CA TYR A 207 -0.48 -26.39 -28.32
C TYR A 207 -1.33 -26.38 -27.04
N TYR A 208 -1.90 -25.24 -26.69
CA TYR A 208 -2.56 -24.97 -25.38
C TYR A 208 -4.09 -24.91 -25.53
N ARG A 209 -4.63 -25.18 -26.72
CA ARG A 209 -6.09 -25.08 -27.03
C ARG A 209 -6.76 -26.42 -26.72
N ALA A 210 -7.93 -26.37 -26.07
CA ALA A 210 -8.67 -27.56 -25.57
C ALA A 210 -9.23 -28.34 -26.75
N PRO A 211 -9.45 -29.66 -26.61
CA PRO A 211 -10.02 -30.50 -27.66
C PRO A 211 -11.33 -29.98 -28.28
N GLU A 212 -12.27 -29.52 -27.45
CA GLU A 212 -13.58 -28.99 -27.89
C GLU A 212 -13.40 -27.79 -28.83
N VAL A 213 -12.32 -27.00 -28.64
CA VAL A 213 -11.95 -25.85 -29.53
C VAL A 213 -11.32 -26.42 -30.82
N ILE A 214 -10.36 -27.34 -30.69
CA ILE A 214 -9.66 -28.02 -31.82
C ILE A 214 -10.71 -28.60 -32.78
N LEU A 215 -11.76 -29.25 -32.26
CA LEU A 215 -12.83 -29.94 -33.05
C LEU A 215 -14.00 -28.99 -33.30
N GLY A 216 -13.93 -27.74 -32.83
CA GLY A 216 -14.99 -26.72 -32.97
C GLY A 216 -16.34 -27.21 -32.48
N MET A 217 -16.43 -27.63 -31.21
CA MET A 217 -17.66 -28.18 -30.57
C MET A 217 -18.47 -27.06 -29.91
N GLY A 218 -17.91 -25.86 -29.77
CA GLY A 218 -18.38 -24.88 -28.78
C GLY A 218 -17.83 -25.24 -27.41
N TYR A 219 -17.61 -24.23 -26.56
CA TYR A 219 -16.80 -24.36 -25.32
C TYR A 219 -17.39 -23.52 -24.19
N ALA A 220 -17.07 -23.89 -22.95
CA ALA A 220 -17.41 -23.17 -21.70
C ALA A 220 -16.12 -22.66 -21.05
N ALA A 221 -16.24 -22.12 -19.83
CA ALA A 221 -15.14 -21.51 -19.05
C ALA A 221 -13.94 -22.47 -18.96
N ASN A 222 -14.17 -23.78 -18.79
CA ASN A 222 -13.11 -24.75 -18.42
C ASN A 222 -12.22 -25.09 -19.63
N VAL A 223 -12.35 -24.40 -20.76
CA VAL A 223 -11.30 -24.41 -21.83
C VAL A 223 -10.00 -23.92 -21.22
N ASP A 224 -10.10 -22.95 -20.31
CA ASP A 224 -8.95 -22.29 -19.64
C ASP A 224 -8.25 -23.28 -18.70
N ILE A 225 -9.00 -24.24 -18.16
CA ILE A 225 -8.45 -25.31 -17.27
C ILE A 225 -7.54 -26.22 -18.11
N TRP A 226 -7.94 -26.55 -19.34
CA TRP A 226 -7.11 -27.40 -20.24
C TRP A 226 -5.75 -26.72 -20.44
N SER A 227 -5.76 -25.42 -20.73
CA SER A 227 -4.55 -24.59 -20.92
C SER A 227 -3.66 -24.64 -19.68
N VAL A 228 -4.26 -24.53 -18.48
CA VAL A 228 -3.50 -24.56 -17.20
C VAL A 228 -2.83 -25.94 -17.08
N GLY A 229 -3.57 -27.00 -17.40
CA GLY A 229 -3.07 -28.39 -17.44
C GLY A 229 -1.85 -28.51 -18.34
N CYS A 230 -1.92 -27.91 -19.53
CA CYS A 230 -0.84 -27.94 -20.56
C CYS A 230 0.41 -27.25 -19.99
N ILE A 231 0.23 -26.13 -19.32
CA ILE A 231 1.34 -25.31 -18.77
C ILE A 231 1.92 -26.05 -17.56
N MET A 232 1.08 -26.64 -16.71
CA MET A 232 1.52 -27.40 -15.52
C MET A 232 2.35 -28.60 -16.00
N GLY A 233 1.83 -29.35 -16.97
CA GLY A 233 2.54 -30.49 -17.59
C GLY A 233 3.89 -30.06 -18.12
N GLU A 234 3.93 -28.95 -18.85
CA GLU A 234 5.16 -28.41 -19.49
C GLU A 234 6.18 -28.05 -18.39
N LEU A 235 5.76 -27.41 -17.30
CA LEU A 235 6.62 -26.97 -16.16
C LEU A 235 7.35 -28.18 -15.57
N VAL A 236 6.65 -29.31 -15.43
CA VAL A 236 7.13 -30.57 -14.79
C VAL A 236 7.98 -31.37 -15.79
N LYS A 237 7.49 -31.54 -17.02
CA LYS A 237 8.06 -32.51 -18.00
C LYS A 237 9.18 -31.84 -18.83
N GLY A 238 9.18 -30.51 -18.92
CA GLY A 238 10.23 -29.73 -19.61
C GLY A 238 10.05 -29.71 -21.12
N CYS A 239 8.84 -30.00 -21.63
CA CYS A 239 8.51 -29.89 -23.07
C CYS A 239 7.01 -29.60 -23.24
N VAL A 240 6.64 -29.14 -24.43
CA VAL A 240 5.21 -28.97 -24.84
C VAL A 240 4.56 -30.35 -24.76
N ILE A 241 3.43 -30.47 -24.08
CA ILE A 241 2.78 -31.80 -23.83
C ILE A 241 2.15 -32.26 -25.15
N PHE A 242 1.40 -31.39 -25.83
CA PHE A 242 0.66 -31.72 -27.08
C PHE A 242 1.22 -30.85 -28.22
N GLN A 243 2.27 -31.32 -28.89
CA GLN A 243 3.03 -30.54 -29.90
C GLN A 243 2.70 -31.08 -31.31
N GLY A 244 1.51 -30.75 -31.81
CA GLY A 244 1.09 -31.09 -33.19
C GLY A 244 1.92 -30.35 -34.22
N THR A 245 2.32 -31.03 -35.30
CA THR A 245 3.05 -30.43 -36.46
C THR A 245 2.09 -29.60 -37.32
N ASP A 246 0.78 -29.84 -37.18
CA ASP A 246 -0.31 -29.08 -37.87
C ASP A 246 -1.60 -29.29 -37.07
N HIS A 247 -2.70 -28.66 -37.49
CA HIS A 247 -4.00 -28.67 -36.77
C HIS A 247 -4.56 -30.10 -36.70
N ILE A 248 -4.29 -30.93 -37.71
CA ILE A 248 -4.73 -32.36 -37.75
C ILE A 248 -3.92 -33.16 -36.74
N ASP A 249 -2.61 -32.98 -36.73
CA ASP A 249 -1.68 -33.72 -35.83
C ASP A 249 -1.94 -33.36 -34.37
N GLN A 250 -2.41 -32.13 -34.09
CA GLN A 250 -2.71 -31.65 -32.71
C GLN A 250 -3.70 -32.62 -32.05
N TRP A 251 -4.74 -33.06 -32.77
CA TRP A 251 -5.72 -34.05 -32.27
C TRP A 251 -5.02 -35.40 -32.00
N ASN A 252 -4.15 -35.84 -32.92
CA ASN A 252 -3.41 -37.12 -32.82
C ASN A 252 -2.61 -37.15 -31.51
N LYS A 253 -1.92 -36.06 -31.17
CA LYS A 253 -1.04 -35.94 -29.97
C LYS A 253 -1.89 -36.08 -28.70
N VAL A 254 -3.10 -35.51 -28.73
CA VAL A 254 -4.09 -35.61 -27.63
C VAL A 254 -4.46 -37.09 -27.43
N ILE A 255 -5.01 -37.76 -28.44
CA ILE A 255 -5.54 -39.15 -28.28
C ILE A 255 -4.39 -40.13 -28.04
N GLU A 256 -3.22 -39.90 -28.63
CA GLU A 256 -2.04 -40.80 -28.46
C GLU A 256 -1.69 -40.91 -26.97
N GLN A 257 -1.82 -39.82 -26.21
CA GLN A 257 -1.36 -39.76 -24.80
C GLN A 257 -2.54 -39.99 -23.84
N LEU A 258 -3.72 -39.42 -24.11
CA LEU A 258 -4.87 -39.47 -23.18
C LEU A 258 -5.85 -40.58 -23.57
N GLY A 259 -5.73 -41.13 -24.77
CA GLY A 259 -6.60 -42.20 -25.29
C GLY A 259 -7.82 -41.64 -26.00
N THR A 260 -8.45 -42.48 -26.82
CA THR A 260 -9.72 -42.18 -27.54
C THR A 260 -10.75 -41.73 -26.51
N PRO A 261 -11.53 -40.64 -26.75
CA PRO A 261 -12.52 -40.18 -25.79
C PRO A 261 -13.76 -41.10 -25.77
N SER A 262 -14.63 -40.90 -24.78
CA SER A 262 -15.84 -41.73 -24.49
C SER A 262 -16.87 -41.62 -25.62
N ALA A 263 -17.80 -42.57 -25.67
CA ALA A 263 -18.96 -42.60 -26.59
C ALA A 263 -19.80 -41.33 -26.42
N GLU A 264 -19.96 -40.84 -25.18
CA GLU A 264 -20.75 -39.63 -24.83
C GLU A 264 -20.13 -38.40 -25.50
N PHE A 265 -18.80 -38.24 -25.41
CA PHE A 265 -18.08 -37.09 -26.00
C PHE A 265 -18.27 -37.11 -27.52
N MET A 266 -18.09 -38.27 -28.14
CA MET A 266 -18.17 -38.42 -29.61
C MET A 266 -19.62 -38.23 -30.08
N ALA A 267 -20.60 -38.69 -29.29
CA ALA A 267 -22.05 -38.49 -29.54
C ALA A 267 -22.37 -36.99 -29.61
N ALA A 268 -21.59 -36.14 -28.92
CA ALA A 268 -21.78 -34.67 -28.85
C ALA A 268 -21.19 -33.95 -30.09
N LEU A 269 -20.39 -34.63 -30.91
CA LEU A 269 -19.72 -34.00 -32.09
C LEU A 269 -20.72 -33.89 -33.24
N GLN A 270 -20.59 -32.86 -34.08
CA GLN A 270 -21.27 -32.76 -35.41
C GLN A 270 -20.97 -34.04 -36.18
N PRO A 271 -21.96 -34.67 -36.87
CA PRO A 271 -21.75 -35.97 -37.52
C PRO A 271 -20.48 -36.08 -38.37
N THR A 272 -20.09 -35.03 -39.08
CA THR A 272 -18.89 -35.01 -39.96
C THR A 272 -17.61 -35.10 -39.11
N VAL A 273 -17.60 -34.41 -37.96
CA VAL A 273 -16.47 -34.42 -37.01
C VAL A 273 -16.40 -35.79 -36.32
N ARG A 274 -17.56 -36.31 -35.87
CA ARG A 274 -17.67 -37.63 -35.20
CA ARG A 274 -17.66 -37.64 -35.20
C ARG A 274 -17.05 -38.71 -36.10
N ASN A 275 -17.40 -38.67 -37.39
CA ASN A 275 -16.96 -39.66 -38.42
C ASN A 275 -15.42 -39.68 -38.49
N TYR A 276 -14.78 -38.50 -38.58
CA TYR A 276 -13.31 -38.38 -38.56
C TYR A 276 -12.77 -38.98 -37.25
N VAL A 277 -13.30 -38.52 -36.11
CA VAL A 277 -12.81 -38.87 -34.74
C VAL A 277 -12.98 -40.38 -34.49
N GLU A 278 -14.08 -40.98 -34.98
CA GLU A 278 -14.36 -42.45 -34.90
C GLU A 278 -13.35 -43.24 -35.72
N ASN A 279 -12.91 -42.71 -36.86
CA ASN A 279 -12.11 -43.44 -37.88
C ASN A 279 -10.62 -43.35 -37.56
N ARG A 280 -10.22 -42.46 -36.65
CA ARG A 280 -8.83 -42.43 -36.11
C ARG A 280 -8.51 -43.80 -35.53
N PRO A 281 -7.24 -44.26 -35.57
CA PRO A 281 -6.84 -45.41 -34.74
C PRO A 281 -7.23 -45.18 -33.27
N LYS A 282 -7.70 -46.24 -32.60
CA LYS A 282 -8.00 -46.21 -31.15
C LYS A 282 -6.68 -46.21 -30.36
N TYR A 283 -6.66 -45.48 -29.24
CA TYR A 283 -5.57 -45.46 -28.24
C TYR A 283 -6.16 -45.66 -26.85
N PRO A 284 -5.54 -46.50 -26.00
CA PRO A 284 -6.07 -46.75 -24.66
C PRO A 284 -5.81 -45.57 -23.71
N GLY A 285 -4.78 -44.77 -24.02
CA GLY A 285 -4.28 -43.70 -23.15
C GLY A 285 -3.12 -44.20 -22.31
N ILE A 286 -2.20 -43.30 -21.95
CA ILE A 286 -1.04 -43.61 -21.06
C ILE A 286 -1.39 -43.13 -19.66
N LYS A 287 -1.17 -43.97 -18.64
CA LYS A 287 -1.38 -43.63 -17.20
C LYS A 287 -0.52 -42.41 -16.87
N PHE A 288 -1.04 -41.50 -16.04
CA PHE A 288 -0.36 -40.24 -15.65
C PHE A 288 0.91 -40.55 -14.84
N GLU A 289 1.00 -41.73 -14.22
CA GLU A 289 2.22 -42.19 -13.51
C GLU A 289 3.35 -42.44 -14.52
N GLU A 290 3.03 -42.79 -15.77
CA GLU A 290 4.01 -42.99 -16.88
C GLU A 290 4.31 -41.66 -17.58
N LEU A 291 3.29 -40.85 -17.89
CA LEU A 291 3.46 -39.52 -18.53
C LEU A 291 4.24 -38.60 -17.60
N PHE A 292 3.98 -38.67 -16.30
CA PHE A 292 4.52 -37.75 -15.27
C PHE A 292 5.01 -38.59 -14.07
N PRO A 293 6.18 -39.26 -14.19
CA PRO A 293 6.69 -40.11 -13.13
C PRO A 293 7.06 -39.31 -11.87
N ASP A 294 7.10 -39.97 -10.71
CA ASP A 294 7.40 -39.33 -9.40
C ASP A 294 8.68 -38.51 -9.51
N TRP A 295 9.72 -39.03 -10.17
CA TRP A 295 11.11 -38.51 -10.04
C TRP A 295 11.28 -37.17 -10.77
N ILE A 296 10.34 -36.77 -11.64
CA ILE A 296 10.44 -35.44 -12.33
C ILE A 296 9.78 -34.35 -11.47
N PHE A 297 9.07 -34.72 -10.40
CA PHE A 297 8.60 -33.80 -9.32
C PHE A 297 9.60 -33.84 -8.17
N PRO A 298 9.67 -32.80 -7.30
CA PRO A 298 10.53 -32.84 -6.12
C PRO A 298 10.18 -34.04 -5.21
N SER A 299 11.21 -34.76 -4.73
CA SER A 299 11.07 -36.11 -4.10
C SER A 299 11.85 -36.21 -2.78
N GLU A 300 12.24 -35.08 -2.20
CA GLU A 300 13.21 -35.03 -1.06
C GLU A 300 12.52 -35.54 0.21
N SER A 301 11.45 -34.87 0.65
CA SER A 301 10.76 -35.07 1.95
C SER A 301 9.59 -36.04 1.79
N GLU A 302 9.01 -36.45 2.92
CA GLU A 302 7.75 -37.24 2.98
C GLU A 302 6.60 -36.35 2.50
N ARG A 303 6.69 -35.05 2.75
CA ARG A 303 5.70 -34.05 2.27
C ARG A 303 5.72 -34.02 0.74
N ASP A 304 6.90 -34.10 0.12
CA ASP A 304 7.11 -34.04 -1.35
C ASP A 304 6.41 -35.22 -2.03
N LYS A 305 6.47 -36.41 -1.42
CA LYS A 305 5.85 -37.65 -1.95
C LYS A 305 4.32 -37.46 -1.99
N ILE A 306 3.75 -36.88 -0.94
CA ILE A 306 2.27 -36.66 -0.83
C ILE A 306 1.86 -35.58 -1.84
N LYS A 307 2.66 -34.51 -1.96
CA LYS A 307 2.38 -33.37 -2.86
C LYS A 307 2.48 -33.82 -4.33
N THR A 308 3.36 -34.78 -4.64
CA THR A 308 3.53 -35.33 -6.00
C THR A 308 2.25 -36.06 -6.42
N SER A 309 1.70 -36.91 -5.56
CA SER A 309 0.39 -37.59 -5.78
C SER A 309 -0.70 -36.53 -5.98
N GLN A 310 -0.69 -35.48 -5.15
CA GLN A 310 -1.67 -34.37 -5.23
C GLN A 310 -1.51 -33.66 -6.58
N ALA A 311 -0.28 -33.30 -6.95
CA ALA A 311 0.04 -32.57 -8.20
C ALA A 311 -0.45 -33.38 -9.40
N ARG A 312 -0.14 -34.67 -9.47
CA ARG A 312 -0.51 -35.58 -10.58
C ARG A 312 -2.03 -35.75 -10.62
N ASP A 313 -2.66 -35.88 -9.44
CA ASP A 313 -4.14 -35.98 -9.33
C ASP A 313 -4.77 -34.77 -10.03
N LEU A 314 -4.35 -33.56 -9.64
CA LEU A 314 -4.86 -32.29 -10.24
C LEU A 314 -4.62 -32.32 -11.75
N LEU A 315 -3.42 -32.71 -12.17
CA LEU A 315 -3.01 -32.75 -13.60
C LEU A 315 -3.94 -33.70 -14.37
N SER A 316 -4.32 -34.84 -13.78
CA SER A 316 -5.19 -35.89 -14.40
C SER A 316 -6.64 -35.38 -14.51
N LYS A 317 -7.02 -34.35 -13.75
CA LYS A 317 -8.38 -33.77 -13.73
C LYS A 317 -8.47 -32.54 -14.65
N MET A 318 -7.33 -31.94 -15.02
CA MET A 318 -7.29 -30.78 -15.95
C MET A 318 -7.13 -31.25 -17.40
N LEU A 319 -6.26 -32.23 -17.65
CA LEU A 319 -6.01 -32.79 -18.99
C LEU A 319 -7.01 -33.92 -19.23
N VAL A 320 -8.28 -33.53 -19.35
CA VAL A 320 -9.44 -34.41 -19.62
C VAL A 320 -10.07 -33.91 -20.92
N ILE A 321 -10.15 -34.77 -21.94
CA ILE A 321 -10.64 -34.39 -23.29
C ILE A 321 -12.06 -33.81 -23.15
N ASP A 322 -12.95 -34.56 -22.51
CA ASP A 322 -14.39 -34.21 -22.38
C ASP A 322 -14.52 -33.08 -21.36
N PRO A 323 -14.92 -31.87 -21.76
CA PRO A 323 -15.02 -30.74 -20.82
C PRO A 323 -16.10 -30.95 -19.75
N ASP A 324 -17.11 -31.77 -20.02
CA ASP A 324 -18.17 -32.13 -19.03
C ASP A 324 -17.54 -32.89 -17.85
N LYS A 325 -16.38 -33.53 -18.04
CA LYS A 325 -15.68 -34.32 -17.00
C LYS A 325 -14.43 -33.60 -16.49
N ARG A 326 -14.09 -32.44 -17.05
CA ARG A 326 -12.86 -31.68 -16.69
C ARG A 326 -13.15 -30.88 -15.42
N ILE A 327 -12.17 -30.78 -14.52
CA ILE A 327 -12.30 -30.01 -13.25
C ILE A 327 -12.63 -28.54 -13.61
N SER A 328 -13.48 -27.89 -12.81
CA SER A 328 -13.78 -26.45 -12.89
C SER A 328 -12.68 -25.66 -12.17
N VAL A 329 -12.65 -24.33 -12.38
CA VAL A 329 -11.70 -23.40 -11.71
C VAL A 329 -11.98 -23.38 -10.20
N ASP A 330 -13.24 -23.37 -9.80
CA ASP A 330 -13.66 -23.35 -8.37
C ASP A 330 -13.15 -24.62 -7.66
N GLU A 331 -13.35 -25.79 -8.27
CA GLU A 331 -12.94 -27.09 -7.66
CA GLU A 331 -12.93 -27.09 -7.69
C GLU A 331 -11.40 -27.15 -7.63
N ALA A 332 -10.72 -26.67 -8.67
CA ALA A 332 -9.24 -26.66 -8.76
C ALA A 332 -8.66 -25.80 -7.63
N LEU A 333 -9.27 -24.65 -7.34
CA LEU A 333 -8.81 -23.74 -6.26
C LEU A 333 -8.97 -24.40 -4.88
N ARG A 334 -9.87 -25.39 -4.78
CA ARG A 334 -10.16 -26.16 -3.54
C ARG A 334 -9.39 -27.49 -3.53
N HIS A 335 -8.65 -27.81 -4.60
CA HIS A 335 -7.84 -29.07 -4.68
C HIS A 335 -6.73 -29.01 -3.63
N PRO A 336 -6.45 -30.11 -2.91
CA PRO A 336 -5.43 -30.10 -1.85
C PRO A 336 -4.06 -29.53 -2.24
N TYR A 337 -3.62 -29.73 -3.49
CA TYR A 337 -2.31 -29.21 -4.01
C TYR A 337 -2.33 -27.69 -4.02
N ILE A 338 -3.49 -27.09 -4.29
CA ILE A 338 -3.65 -25.63 -4.57
C ILE A 338 -4.13 -24.91 -3.30
N THR A 339 -5.06 -25.52 -2.57
CA THR A 339 -5.91 -24.85 -1.55
C THR A 339 -5.07 -24.44 -0.32
N VAL A 340 -3.82 -24.90 -0.20
CA VAL A 340 -2.90 -24.46 0.89
C VAL A 340 -2.63 -22.95 0.78
N TRP A 341 -2.89 -22.34 -0.39
CA TRP A 341 -2.66 -20.91 -0.65
C TRP A 341 -3.95 -20.09 -0.54
N TYR A 342 -5.10 -20.75 -0.35
CA TYR A 342 -6.44 -20.14 -0.54
C TYR A 342 -6.60 -18.95 0.42
N ASP A 343 -6.88 -17.78 -0.16
CA ASP A 343 -7.23 -16.53 0.55
C ASP A 343 -8.44 -15.92 -0.17
N PRO A 344 -9.62 -15.82 0.49
CA PRO A 344 -10.79 -15.20 -0.12
C PRO A 344 -10.49 -13.89 -0.86
N ALA A 345 -9.56 -13.09 -0.35
CA ALA A 345 -9.17 -11.75 -0.87
C ALA A 345 -8.63 -11.86 -2.30
N GLU A 346 -8.08 -13.03 -2.67
CA GLU A 346 -7.47 -13.30 -4.00
C GLU A 346 -8.40 -14.19 -4.82
N ALA A 347 -8.99 -15.21 -4.20
CA ALA A 347 -9.77 -16.28 -4.86
C ALA A 347 -11.23 -15.86 -5.07
N GLU A 348 -11.77 -14.96 -4.23
CA GLU A 348 -13.18 -14.48 -4.28
C GLU A 348 -13.21 -12.95 -4.42
N ALA A 349 -12.16 -12.36 -5.00
CA ALA A 349 -12.03 -10.90 -5.23
C ALA A 349 -13.11 -10.46 -6.22
N PRO A 350 -14.21 -9.80 -5.76
CA PRO A 350 -15.37 -9.58 -6.60
C PRO A 350 -15.09 -8.58 -7.72
N PRO A 351 -15.48 -8.88 -8.99
CA PRO A 351 -15.35 -7.91 -10.07
C PRO A 351 -16.34 -6.75 -9.89
N PRO A 352 -15.88 -5.48 -10.01
CA PRO A 352 -16.78 -4.31 -9.98
C PRO A 352 -18.06 -4.36 -10.82
N GLN A 353 -18.08 -5.16 -11.90
CA GLN A 353 -19.29 -5.44 -12.72
C GLN A 353 -18.99 -6.59 -13.68
N ILE A 354 -20.03 -7.25 -14.20
CA ILE A 354 -19.91 -8.32 -15.23
C ILE A 354 -19.96 -7.63 -16.60
N TYR A 355 -18.96 -7.90 -17.45
CA TYR A 355 -18.86 -7.41 -18.83
C TYR A 355 -19.85 -8.17 -19.73
N ASP A 356 -20.63 -7.46 -20.54
CA ASP A 356 -21.62 -8.05 -21.48
C ASP A 356 -20.89 -8.42 -22.79
N GLU A 363 -24.54 1.39 -31.20
CA GLU A 363 -25.48 2.38 -31.81
C GLU A 363 -25.71 3.53 -30.83
N HIS A 364 -24.90 4.59 -30.93
CA HIS A 364 -25.07 5.87 -30.18
C HIS A 364 -24.72 7.06 -31.09
N ALA A 365 -25.27 8.25 -30.80
CA ALA A 365 -24.84 9.54 -31.39
C ALA A 365 -23.45 9.90 -30.87
N ILE A 366 -22.71 10.73 -31.61
CA ILE A 366 -21.33 11.23 -31.26
C ILE A 366 -21.36 11.81 -29.84
N GLU A 367 -22.38 12.61 -29.50
CA GLU A 367 -22.46 13.32 -28.20
C GLU A 367 -22.79 12.34 -27.06
N GLU A 368 -23.50 11.25 -27.36
CA GLU A 368 -23.82 10.17 -26.38
C GLU A 368 -22.54 9.40 -26.04
N TRP A 369 -21.80 8.97 -27.07
CA TRP A 369 -20.48 8.29 -26.92
C TRP A 369 -19.54 9.16 -26.07
N LYS A 370 -19.46 10.46 -26.38
CA LYS A 370 -18.59 11.44 -25.66
C LYS A 370 -18.96 11.40 -24.17
N GLU A 371 -20.25 11.57 -23.89
CA GLU A 371 -20.82 11.61 -22.52
C GLU A 371 -20.52 10.30 -21.79
N LEU A 372 -20.75 9.16 -22.47
CA LEU A 372 -20.55 7.79 -21.91
C LEU A 372 -19.07 7.59 -21.57
N ILE A 373 -18.15 7.97 -22.46
CA ILE A 373 -16.68 7.83 -22.29
C ILE A 373 -16.24 8.72 -21.11
N TYR A 374 -16.66 9.99 -21.11
CA TYR A 374 -16.29 11.02 -20.10
C TYR A 374 -16.72 10.56 -18.70
N LYS A 375 -17.93 10.03 -18.57
CA LYS A 375 -18.47 9.54 -17.27
C LYS A 375 -17.61 8.38 -16.77
N GLU A 376 -17.11 7.55 -17.67
CA GLU A 376 -16.19 6.42 -17.34
C GLU A 376 -14.86 6.98 -16.80
N VAL A 377 -14.35 8.06 -17.40
CA VAL A 377 -13.10 8.74 -16.96
C VAL A 377 -13.32 9.38 -15.59
N MET A 378 -14.48 10.01 -15.38
CA MET A 378 -14.85 10.73 -14.14
C MET A 378 -15.03 9.76 -12.97
N ASP A 379 -15.31 8.47 -13.22
CA ASP A 379 -15.39 7.44 -12.15
C ASP A 379 -14.03 7.29 -11.46
N TRP A 380 -12.92 7.50 -12.20
CA TRP A 380 -11.53 7.47 -11.66
C TRP A 380 -11.18 8.80 -10.98
N GLU A 381 -12.19 9.64 -10.69
CA GLU A 381 -12.04 10.98 -10.08
C GLU A 381 -11.17 11.86 -10.99
N MET B 18 18.12 54.12 10.10
CA MET B 18 17.30 52.87 10.07
C MET B 18 16.74 52.59 11.47
N SER B 19 15.50 53.02 11.71
CA SER B 19 14.73 52.76 12.97
C SER B 19 14.44 51.26 13.08
N LYS B 20 14.47 50.72 14.30
CA LYS B 20 14.30 49.27 14.61
C LYS B 20 12.80 48.98 14.83
N SER B 21 12.37 47.76 14.53
CA SER B 21 10.95 47.29 14.68
C SER B 21 10.55 47.41 16.15
N LYS B 22 9.43 48.08 16.43
CA LYS B 22 9.02 48.43 17.81
C LYS B 22 8.23 47.29 18.45
N VAL B 23 7.24 46.69 17.77
CA VAL B 23 6.47 45.54 18.32
C VAL B 23 7.43 44.41 18.73
N ASP B 24 8.60 44.34 18.09
CA ASP B 24 9.56 43.21 18.21
C ASP B 24 10.74 43.58 19.13
N ASN B 25 10.91 44.85 19.52
CA ASN B 25 12.10 45.32 20.28
C ASN B 25 11.73 46.04 21.60
N GLN B 26 10.49 46.51 21.79
CA GLN B 26 10.13 47.28 23.01
C GLN B 26 9.18 46.46 23.88
N PHE B 27 9.31 46.64 25.21
CA PHE B 27 8.70 45.78 26.26
C PHE B 27 7.65 46.56 27.03
N TYR B 28 6.66 45.84 27.57
CA TYR B 28 5.75 46.32 28.63
C TYR B 28 5.72 45.26 29.74
N SER B 29 5.44 45.71 30.96
CA SER B 29 5.28 44.84 32.16
C SER B 29 3.78 44.69 32.45
N VAL B 30 3.37 43.49 32.86
CA VAL B 30 2.03 43.22 33.42
C VAL B 30 2.24 42.31 34.63
N GLU B 31 1.53 42.56 35.73
CA GLU B 31 1.71 41.79 36.99
C GLU B 31 0.90 40.49 36.86
N VAL B 32 1.53 39.36 37.21
CA VAL B 32 0.97 37.98 37.11
C VAL B 32 1.42 37.20 38.35
N ALA B 33 0.48 36.88 39.25
CA ALA B 33 0.75 36.19 40.53
C ALA B 33 1.88 36.92 41.27
N ASP B 34 2.98 36.25 41.58
CA ASP B 34 4.11 36.78 42.41
C ASP B 34 5.00 37.67 41.53
N SER B 35 5.11 37.36 40.23
CA SER B 35 6.18 37.84 39.33
C SER B 35 5.67 38.86 38.31
N THR B 36 6.54 39.80 37.92
CA THR B 36 6.37 40.74 36.78
C THR B 36 6.68 40.02 35.46
N PHE B 37 5.68 39.88 34.58
CA PHE B 37 5.88 39.44 33.17
C PHE B 37 6.24 40.66 32.32
N THR B 38 7.50 40.71 31.84
CA THR B 38 8.04 41.76 30.96
C THR B 38 8.27 41.17 29.56
N VAL B 39 7.36 41.44 28.63
CA VAL B 39 7.26 40.77 27.30
C VAL B 39 7.35 41.80 26.18
N LEU B 40 7.70 41.36 24.96
CA LEU B 40 7.67 42.20 23.73
C LEU B 40 6.23 42.65 23.47
N LYS B 41 6.08 43.85 22.91
CA LYS B 41 4.78 44.52 22.65
C LYS B 41 3.89 43.62 21.76
N ARG B 42 4.49 42.82 20.87
CA ARG B 42 3.78 41.87 19.96
C ARG B 42 2.85 40.92 20.74
N TYR B 43 3.20 40.56 21.98
CA TYR B 43 2.42 39.60 22.81
C TYR B 43 1.41 40.35 23.69
N GLN B 44 0.11 40.15 23.41
CA GLN B 44 -1.00 40.90 24.05
C GLN B 44 -1.93 39.92 24.78
N GLN B 45 -2.84 40.48 25.60
CA GLN B 45 -3.95 39.75 26.26
C GLN B 45 -3.40 38.63 27.15
N LEU B 46 -2.33 38.90 27.90
CA LEU B 46 -1.66 37.87 28.75
C LEU B 46 -2.63 37.43 29.86
N LYS B 47 -2.86 36.12 29.97
CA LYS B 47 -3.70 35.46 31.01
C LYS B 47 -2.94 34.24 31.55
N PRO B 48 -2.81 34.06 32.88
CA PRO B 48 -2.11 32.89 33.43
C PRO B 48 -2.82 31.58 33.06
N ILE B 49 -2.04 30.51 32.86
CA ILE B 49 -2.54 29.11 32.65
C ILE B 49 -1.59 28.17 33.41
N GLY B 52 3.31 26.31 37.43
CA GLY B 52 4.14 25.11 37.68
C GLY B 52 5.45 25.46 38.37
N ALA B 53 6.28 24.44 38.65
CA ALA B 53 7.61 24.56 39.28
C ALA B 53 8.66 24.93 38.21
N GLN B 54 8.37 24.64 36.93
CA GLN B 54 9.21 25.04 35.76
C GLN B 54 9.21 26.57 35.65
N GLY B 55 8.09 27.20 35.99
CA GLY B 55 7.89 28.66 35.94
C GLY B 55 6.42 29.00 35.74
N ILE B 56 6.11 30.28 35.54
CA ILE B 56 4.73 30.76 35.26
C ILE B 56 4.54 30.78 33.74
N VAL B 57 3.36 30.34 33.27
CA VAL B 57 3.00 30.23 31.84
C VAL B 57 1.72 31.03 31.59
N CYS B 58 1.80 32.07 30.77
CA CYS B 58 0.65 32.88 30.31
C CYS B 58 0.29 32.46 28.88
N ALA B 59 -1.00 32.30 28.60
CA ALA B 59 -1.58 32.37 27.24
C ALA B 59 -1.52 33.83 26.79
N ALA B 60 -1.26 34.08 25.51
CA ALA B 60 -1.20 35.43 24.90
C ALA B 60 -1.65 35.37 23.43
N PHE B 61 -1.81 36.53 22.82
CA PHE B 61 -2.00 36.69 21.35
C PHE B 61 -0.77 37.38 20.78
N ASP B 62 -0.09 36.72 19.84
CA ASP B 62 1.03 37.29 19.05
C ASP B 62 0.40 38.05 17.87
N THR B 63 0.43 39.39 17.91
CA THR B 63 -0.19 40.29 16.90
C THR B 63 0.58 40.23 15.58
N VAL B 64 1.87 39.87 15.60
CA VAL B 64 2.70 39.72 14.38
C VAL B 64 2.27 38.45 13.63
N LEU B 65 2.21 37.29 14.30
CA LEU B 65 1.82 35.98 13.70
C LEU B 65 0.29 35.88 13.59
N GLY B 66 -0.45 36.62 14.42
CA GLY B 66 -1.92 36.56 14.48
C GLY B 66 -2.42 35.22 15.01
N ILE B 67 -1.71 34.61 15.96
CA ILE B 67 -2.05 33.29 16.55
C ILE B 67 -1.97 33.37 18.09
N ASN B 68 -2.62 32.43 18.77
CA ASN B 68 -2.53 32.26 20.24
C ASN B 68 -1.17 31.61 20.55
N VAL B 69 -0.52 32.07 21.61
CA VAL B 69 0.80 31.54 22.05
C VAL B 69 0.78 31.38 23.57
N ALA B 70 1.64 30.48 24.08
CA ALA B 70 1.96 30.33 25.52
C ALA B 70 3.33 30.99 25.76
N VAL B 71 3.40 31.94 26.70
CA VAL B 71 4.67 32.59 27.13
C VAL B 71 5.05 32.04 28.51
N LYS B 72 6.20 31.38 28.60
CA LYS B 72 6.73 30.81 29.86
C LYS B 72 7.93 31.64 30.32
N LYS B 73 7.86 32.21 31.52
CA LYS B 73 8.98 32.92 32.18
C LYS B 73 9.79 31.91 32.99
N LEU B 74 11.10 31.82 32.72
CA LEU B 74 12.09 31.13 33.58
C LEU B 74 12.91 32.22 34.29
N SER B 75 12.66 32.44 35.58
CA SER B 75 13.42 33.41 36.42
C SER B 75 14.70 32.74 36.95
N ARG B 76 15.84 33.40 36.75
CA ARG B 76 17.18 32.97 37.21
C ARG B 76 17.34 31.46 37.08
N PRO B 77 17.21 30.90 35.85
CA PRO B 77 17.36 29.45 35.65
C PRO B 77 18.78 28.95 35.95
N PHE B 78 19.78 29.84 35.80
CA PHE B 78 21.23 29.58 36.03
C PHE B 78 21.55 29.57 37.54
N GLN B 79 20.66 30.11 38.39
CA GLN B 79 20.89 30.29 39.85
C GLN B 79 20.97 28.93 40.57
N ASN B 80 20.41 27.88 39.95
CA ASN B 80 20.41 26.49 40.48
C ASN B 80 20.88 25.53 39.37
N GLN B 81 21.74 24.56 39.70
CA GLN B 81 22.35 23.59 38.74
C GLN B 81 21.25 22.73 38.10
N THR B 82 20.21 22.37 38.88
CA THR B 82 19.09 21.49 38.44
C THR B 82 18.18 22.27 37.50
N HIS B 83 17.91 23.55 37.82
CA HIS B 83 17.12 24.50 36.97
C HIS B 83 17.89 24.81 35.69
N ALA B 84 19.21 25.00 35.78
CA ALA B 84 20.09 25.33 34.64
C ALA B 84 19.98 24.24 33.57
N LYS B 85 20.08 22.97 33.98
CA LYS B 85 20.10 21.82 33.03
C LYS B 85 18.72 21.68 32.37
N ARG B 86 17.63 21.78 33.13
CA ARG B 86 16.23 21.87 32.59
C ARG B 86 16.18 22.92 31.48
N ALA B 87 16.56 24.15 31.82
CA ALA B 87 16.51 25.35 30.95
C ALA B 87 17.35 25.09 29.71
N TYR B 88 18.60 24.63 29.88
CA TYR B 88 19.57 24.46 28.77
C TYR B 88 19.10 23.34 27.84
N ARG B 89 18.56 22.24 28.38
CA ARG B 89 18.07 21.09 27.58
C ARG B 89 16.83 21.55 26.81
N GLU B 90 15.88 22.20 27.48
CA GLU B 90 14.61 22.68 26.88
C GLU B 90 14.91 23.62 25.70
N LEU B 91 15.85 24.57 25.88
CA LEU B 91 16.22 25.57 24.84
C LEU B 91 16.84 24.88 23.61
N VAL B 92 17.76 23.94 23.83
CA VAL B 92 18.52 23.25 22.75
C VAL B 92 17.63 22.17 22.09
N LEU B 93 16.84 21.45 22.89
CA LEU B 93 15.91 20.38 22.41
C LEU B 93 14.83 21.04 21.53
N LEU B 94 14.14 22.06 22.04
CA LEU B 94 13.05 22.77 21.33
C LEU B 94 13.59 23.44 20.05
N LYS B 95 14.84 23.91 20.06
CA LYS B 95 15.47 24.55 18.87
C LYS B 95 15.73 23.50 17.79
N CYS B 96 16.15 22.29 18.16
CA CYS B 96 16.46 21.15 17.26
C CYS B 96 15.23 20.72 16.46
N VAL B 97 14.04 20.82 17.05
CA VAL B 97 12.85 20.00 16.70
C VAL B 97 11.75 20.87 16.04
N ASN B 98 12.01 22.16 15.83
CA ASN B 98 11.04 23.09 15.19
C ASN B 98 10.65 22.54 13.81
N HIS B 99 9.36 22.31 13.59
CA HIS B 99 8.78 21.74 12.33
C HIS B 99 7.31 22.13 12.25
N LYS B 100 6.75 22.22 11.04
CA LYS B 100 5.36 22.69 10.85
C LYS B 100 4.37 21.67 11.46
N ASN B 101 4.79 20.40 11.61
CA ASN B 101 3.95 19.30 12.13
C ASN B 101 4.29 18.97 13.60
N ILE B 102 4.99 19.88 14.28
CA ILE B 102 5.32 19.76 15.74
C ILE B 102 5.04 21.08 16.44
N ILE B 103 4.32 21.04 17.57
CA ILE B 103 4.15 22.22 18.48
C ILE B 103 5.56 22.70 18.85
N SER B 104 5.94 23.85 18.29
CA SER B 104 7.34 24.31 18.14
C SER B 104 7.59 25.57 18.98
N LEU B 105 8.86 25.81 19.31
CA LEU B 105 9.37 27.07 19.93
C LEU B 105 9.37 28.17 18.87
N LEU B 106 8.54 29.21 19.06
CA LEU B 106 8.36 30.35 18.11
C LEU B 106 9.35 31.47 18.40
N ASN B 107 9.70 31.68 19.68
CA ASN B 107 10.55 32.82 20.09
C ASN B 107 11.16 32.54 21.47
N VAL B 108 12.38 33.07 21.68
CA VAL B 108 13.07 33.14 22.99
C VAL B 108 13.57 34.58 23.10
N PHE B 109 13.33 35.25 24.23
CA PHE B 109 13.81 36.63 24.47
C PHE B 109 14.09 36.82 25.97
N THR B 110 14.97 37.78 26.26
CA THR B 110 15.23 38.32 27.63
C THR B 110 15.10 39.85 27.59
N PRO B 111 14.40 40.48 28.57
CA PRO B 111 14.37 41.94 28.66
C PRO B 111 15.75 42.55 28.95
N GLN B 112 16.65 41.77 29.58
CA GLN B 112 17.98 42.27 30.04
C GLN B 112 18.92 42.26 28.83
N LYS B 113 19.87 43.20 28.80
CA LYS B 113 20.59 43.61 27.56
C LYS B 113 22.07 43.22 27.62
N THR B 114 22.52 42.57 28.70
CA THR B 114 23.92 42.08 28.81
C THR B 114 23.99 40.82 29.68
N LEU B 115 25.06 40.04 29.51
CA LEU B 115 25.37 38.80 30.28
C LEU B 115 25.38 39.11 31.77
N GLU B 116 25.99 40.24 32.17
CA GLU B 116 26.15 40.66 33.58
C GLU B 116 24.78 40.78 34.26
N GLU B 117 23.82 41.44 33.61
CA GLU B 117 22.51 41.76 34.24
C GLU B 117 21.42 40.78 33.76
N PHE B 118 21.75 39.83 32.88
CA PHE B 118 20.85 38.74 32.39
C PHE B 118 20.28 37.98 33.60
N GLN B 119 18.94 37.91 33.68
CA GLN B 119 18.19 37.26 34.80
C GLN B 119 17.19 36.24 34.24
N ASP B 120 16.32 36.66 33.31
CA ASP B 120 15.07 35.94 32.95
C ASP B 120 15.11 35.51 31.48
N VAL B 121 14.50 34.35 31.20
CA VAL B 121 14.32 33.80 29.83
C VAL B 121 12.83 33.57 29.62
N TYR B 122 12.28 34.10 28.53
CA TYR B 122 10.88 33.85 28.09
C TYR B 122 10.92 32.90 26.90
N LEU B 123 10.21 31.78 26.98
CA LEU B 123 9.98 30.85 25.84
C LEU B 123 8.56 31.09 25.32
N VAL B 124 8.40 31.20 24.01
CA VAL B 124 7.08 31.39 23.35
C VAL B 124 6.78 30.15 22.49
N MET B 125 5.67 29.46 22.80
CA MET B 125 5.19 28.23 22.12
C MET B 125 3.89 28.55 21.41
N GLU B 126 3.61 27.86 20.30
CA GLU B 126 2.23 27.79 19.72
C GLU B 126 1.32 27.25 20.83
N LEU B 127 0.12 27.81 20.98
CA LEU B 127 -0.86 27.36 22.01
C LEU B 127 -1.95 26.54 21.32
N MET B 128 -1.94 25.23 21.56
CA MET B 128 -2.87 24.23 20.98
C MET B 128 -2.95 23.01 21.90
N GLN B 134 -11.18 14.50 18.42
CA GLN B 134 -12.35 14.84 17.56
C GLN B 134 -12.27 14.07 16.24
N VAL B 135 -11.24 14.35 15.43
CA VAL B 135 -11.18 13.96 13.98
C VAL B 135 -11.12 12.44 13.87
N ILE B 136 -10.80 11.74 14.97
CA ILE B 136 -10.97 10.26 15.11
C ILE B 136 -12.39 9.90 14.62
N HIS B 137 -13.42 10.52 15.22
CA HIS B 137 -14.86 10.21 14.96
C HIS B 137 -15.44 11.11 13.87
N MET B 138 -14.63 12.04 13.32
CA MET B 138 -14.96 12.84 12.11
C MET B 138 -14.90 11.92 10.89
N GLU B 139 -15.90 12.01 10.00
CA GLU B 139 -15.95 11.24 8.73
C GLU B 139 -14.92 11.84 7.76
N LEU B 140 -13.88 11.07 7.42
CA LEU B 140 -12.79 11.48 6.51
C LEU B 140 -12.84 10.65 5.23
N ASP B 141 -12.31 11.21 4.14
CA ASP B 141 -12.08 10.53 2.85
C ASP B 141 -10.59 10.14 2.78
N HIS B 142 -10.17 9.49 1.69
CA HIS B 142 -8.79 9.00 1.49
C HIS B 142 -7.83 10.18 1.43
N GLU B 143 -8.21 11.26 0.72
CA GLU B 143 -7.39 12.49 0.58
C GLU B 143 -6.99 12.99 1.97
N ARG B 144 -7.95 13.17 2.87
CA ARG B 144 -7.73 13.78 4.21
C ARG B 144 -6.98 12.79 5.11
N MET B 145 -7.41 11.53 5.13
CA MET B 145 -6.77 10.47 5.96
C MET B 145 -5.28 10.35 5.59
N SER B 146 -4.97 10.21 4.30
CA SER B 146 -3.58 10.03 3.81
C SER B 146 -2.76 11.28 4.13
N TYR B 147 -3.38 12.47 4.10
CA TYR B 147 -2.70 13.76 4.40
C TYR B 147 -2.37 13.83 5.90
N LEU B 148 -3.34 13.51 6.76
CA LEU B 148 -3.11 13.46 8.24
C LEU B 148 -1.95 12.50 8.52
N LEU B 149 -1.98 11.29 7.94
CA LEU B 149 -0.94 10.25 8.15
C LEU B 149 0.40 10.77 7.63
N TYR B 150 0.43 11.36 6.44
CA TYR B 150 1.64 11.97 5.84
C TYR B 150 2.27 12.94 6.85
N GLN B 151 1.45 13.77 7.47
CA GLN B 151 1.92 14.85 8.39
C GLN B 151 2.47 14.25 9.67
N MET B 152 1.77 13.28 10.27
CA MET B 152 2.25 12.48 11.41
C MET B 152 3.67 11.99 11.10
N LEU B 153 3.83 11.32 9.95
CA LEU B 153 5.10 10.68 9.53
C LEU B 153 6.19 11.73 9.35
N CYS B 154 5.87 12.88 8.75
CA CYS B 154 6.81 14.04 8.60
C CYS B 154 7.31 14.48 9.97
N GLY B 155 6.39 14.63 10.93
CA GLY B 155 6.70 15.05 12.32
C GLY B 155 7.60 14.06 13.02
N ILE B 156 7.33 12.77 12.87
CA ILE B 156 8.11 11.67 13.51
C ILE B 156 9.51 11.62 12.87
N LYS B 157 9.60 11.75 11.54
CA LYS B 157 10.90 11.71 10.80
C LYS B 157 11.81 12.83 11.32
N HIS B 158 11.28 14.05 11.45
CA HIS B 158 12.03 15.23 11.95
C HIS B 158 12.55 14.95 13.37
N LEU B 159 11.68 14.45 14.26
CA LEU B 159 12.04 14.06 15.65
C LEU B 159 13.19 13.04 15.62
N HIS B 160 13.05 11.97 14.83
CA HIS B 160 14.06 10.88 14.71
C HIS B 160 15.39 11.47 14.21
N SER B 161 15.34 12.37 13.22
CA SER B 161 16.54 13.01 12.61
C SER B 161 17.30 13.85 13.64
N ALA B 162 16.59 14.39 14.65
CA ALA B 162 17.16 15.15 15.79
C ALA B 162 17.48 14.18 16.95
N GLY B 163 17.53 12.88 16.68
CA GLY B 163 17.85 11.83 17.67
C GLY B 163 16.82 11.71 18.78
N ILE B 164 15.55 12.07 18.53
CA ILE B 164 14.44 11.89 19.51
C ILE B 164 13.46 10.84 19.00
N ILE B 165 13.23 9.78 19.80
CA ILE B 165 12.14 8.80 19.61
C ILE B 165 10.99 9.20 20.54
N HIS B 166 9.79 9.44 20.00
CA HIS B 166 8.62 9.98 20.76
C HIS B 166 8.20 8.96 21.83
N ARG B 167 7.90 7.72 21.42
CA ARG B 167 7.64 6.56 22.30
C ARG B 167 6.24 6.66 22.93
N ASP B 168 5.52 7.77 22.75
CA ASP B 168 4.26 8.06 23.48
C ASP B 168 3.22 8.72 22.58
N LEU B 169 3.20 8.38 21.28
CA LEU B 169 2.20 8.94 20.32
C LEU B 169 0.83 8.32 20.60
N LYS B 170 -0.19 9.15 20.66
CA LYS B 170 -1.61 8.77 20.95
C LYS B 170 -2.52 9.88 20.42
N PRO B 171 -3.82 9.62 20.20
CA PRO B 171 -4.73 10.64 19.72
C PRO B 171 -4.69 11.95 20.53
N SER B 172 -4.48 11.86 21.84
CA SER B 172 -4.61 12.98 22.81
C SER B 172 -3.33 13.82 22.91
N ASN B 173 -2.33 13.60 22.05
CA ASN B 173 -1.17 14.52 21.93
C ASN B 173 -0.95 14.84 20.45
N ILE B 174 -2.02 14.77 19.65
CA ILE B 174 -2.05 15.21 18.23
C ILE B 174 -3.22 16.18 18.07
N VAL B 175 -3.00 17.34 17.45
CA VAL B 175 -4.07 18.33 17.15
C VAL B 175 -4.18 18.49 15.64
N VAL B 176 -5.41 18.65 15.14
CA VAL B 176 -5.75 18.93 13.72
C VAL B 176 -6.50 20.27 13.69
N LYS B 177 -6.17 21.15 12.74
CA LYS B 177 -6.93 22.40 12.45
C LYS B 177 -8.00 22.08 11.39
N SER B 178 -8.99 22.96 11.23
CA SER B 178 -10.14 22.80 10.30
C SER B 178 -9.64 22.51 8.88
N ASP B 179 -8.49 23.06 8.48
CA ASP B 179 -7.88 22.87 7.13
C ASP B 179 -7.09 21.56 7.05
N CYS B 180 -7.11 20.75 8.12
CA CYS B 180 -6.51 19.39 8.22
C CYS B 180 -4.99 19.48 8.35
N THR B 181 -4.48 20.62 8.82
CA THR B 181 -3.06 20.80 9.26
C THR B 181 -2.89 20.11 10.62
N LEU B 182 -1.89 19.24 10.75
CA LEU B 182 -1.72 18.37 11.94
C LEU B 182 -0.42 18.77 12.65
N LYS B 183 -0.44 18.78 13.98
CA LYS B 183 0.77 18.99 14.82
C LYS B 183 0.78 18.00 15.99
N ILE B 184 1.96 17.45 16.28
CA ILE B 184 2.29 16.62 17.48
C ILE B 184 2.65 17.58 18.63
N LEU B 185 2.05 17.37 19.80
CA LEU B 185 2.10 18.32 20.94
C LEU B 185 3.32 18.01 21.84
N ASP B 186 3.54 16.74 22.16
CA ASP B 186 4.61 16.28 23.10
C ASP B 186 5.74 15.64 22.31
N PHE B 187 6.95 15.68 22.88
CA PHE B 187 8.08 14.79 22.54
C PHE B 187 9.01 14.71 23.76
N GLY B 188 8.40 14.52 24.94
CA GLY B 188 9.08 14.42 26.25
C GLY B 188 9.37 15.79 26.85
N THR B 205 -1.32 6.31 27.32
CA THR B 205 -1.80 4.99 27.82
C THR B 205 -1.11 3.86 27.02
N ARG B 206 -1.29 2.63 27.49
CA ARG B 206 -0.62 1.41 26.97
C ARG B 206 -1.19 0.98 25.61
N TYR B 207 -2.33 1.52 25.18
CA TYR B 207 -3.05 1.03 23.97
C TYR B 207 -2.19 1.22 22.72
N TYR B 208 -1.29 2.21 22.74
CA TYR B 208 -0.53 2.69 21.56
C TYR B 208 0.95 2.31 21.65
N ARG B 209 1.36 1.55 22.66
CA ARG B 209 2.77 1.15 22.91
C ARG B 209 3.06 -0.15 22.15
N ALA B 210 4.24 -0.22 21.50
CA ALA B 210 4.66 -1.33 20.61
C ALA B 210 4.94 -2.58 21.46
N PRO B 211 4.79 -3.79 20.87
CA PRO B 211 5.09 -5.04 21.59
C PRO B 211 6.46 -5.11 22.27
N GLU B 212 7.52 -4.66 21.60
CA GLU B 212 8.91 -4.67 22.12
C GLU B 212 8.99 -3.82 23.41
N VAL B 213 8.19 -2.75 23.53
CA VAL B 213 8.09 -1.91 24.76
C VAL B 213 7.27 -2.67 25.82
N ILE B 214 6.10 -3.22 25.43
CA ILE B 214 5.21 -4.02 26.32
C ILE B 214 6.03 -5.13 27.00
N LEU B 215 6.87 -5.83 26.25
CA LEU B 215 7.68 -7.00 26.72
C LEU B 215 9.06 -6.54 27.21
N GLY B 216 9.34 -5.23 27.17
CA GLY B 216 10.62 -4.62 27.58
C GLY B 216 11.82 -5.26 26.90
N MET B 217 11.83 -5.28 25.57
CA MET B 217 12.91 -5.90 24.74
C MET B 217 14.02 -4.88 24.44
N GLY B 218 13.78 -3.59 24.71
CA GLY B 218 14.54 -2.49 24.08
C GLY B 218 13.99 -2.23 22.69
N TYR B 219 14.08 -0.99 22.23
CA TYR B 219 13.33 -0.49 21.04
C TYR B 219 14.18 0.48 20.22
N ALA B 220 13.81 0.63 18.94
CA ALA B 220 14.39 1.58 17.98
C ALA B 220 13.32 2.60 17.56
N ALA B 221 13.64 3.45 16.59
CA ALA B 221 12.79 4.54 16.07
C ALA B 221 11.39 4.03 15.74
N ASN B 222 11.26 2.84 15.14
CA ASN B 222 9.99 2.36 14.53
C ASN B 222 8.99 1.90 15.61
N VAL B 223 9.25 2.12 16.91
CA VAL B 223 8.19 2.04 17.96
C VAL B 223 7.09 3.03 17.59
N ASP B 224 7.49 4.18 17.04
CA ASP B 224 6.59 5.31 16.68
C ASP B 224 5.68 4.89 15.51
N ILE B 225 6.17 4.00 14.64
CA ILE B 225 5.39 3.46 13.49
C ILE B 225 4.24 2.60 14.03
N TRP B 226 4.48 1.80 15.06
CA TRP B 226 3.43 0.95 15.69
C TRP B 226 2.29 1.86 16.15
N SER B 227 2.64 2.94 16.85
CA SER B 227 1.68 3.96 17.36
C SER B 227 0.88 4.57 16.21
N VAL B 228 1.52 4.89 15.09
CA VAL B 228 0.83 5.47 13.90
C VAL B 228 -0.17 4.44 13.38
N GLY B 229 0.24 3.18 13.31
CA GLY B 229 -0.60 2.03 12.91
C GLY B 229 -1.85 1.95 13.77
N CYS B 230 -1.69 2.09 15.09
CA CYS B 230 -2.78 2.03 16.10
C CYS B 230 -3.77 3.16 15.85
N ILE B 231 -3.26 4.36 15.56
CA ILE B 231 -4.09 5.58 15.36
C ILE B 231 -4.80 5.45 14.00
N MET B 232 -4.11 4.97 12.98
CA MET B 232 -4.69 4.77 11.63
C MET B 232 -5.83 3.75 11.74
N GLY B 233 -5.56 2.61 12.37
CA GLY B 233 -6.57 1.56 12.62
C GLY B 233 -7.79 2.14 13.31
N GLU B 234 -7.56 2.93 14.37
CA GLU B 234 -8.63 3.54 15.19
C GLU B 234 -9.47 4.49 14.33
N LEU B 235 -8.84 5.33 13.48
CA LEU B 235 -9.51 6.32 12.59
C LEU B 235 -10.50 5.59 11.67
N VAL B 236 -10.11 4.42 11.14
CA VAL B 236 -10.88 3.62 10.15
C VAL B 236 -11.96 2.80 10.87
N LYS B 237 -11.60 2.12 11.97
CA LYS B 237 -12.46 1.08 12.61
C LYS B 237 -13.40 1.71 13.65
N GLY B 238 -13.05 2.90 14.17
CA GLY B 238 -13.87 3.66 15.13
C GLY B 238 -13.76 3.14 16.55
N CYS B 239 -12.70 2.39 16.88
CA CYS B 239 -12.40 1.93 18.27
C CYS B 239 -10.90 1.75 18.45
N VAL B 240 -10.46 1.69 19.71
CA VAL B 240 -9.07 1.34 20.09
C VAL B 240 -8.80 -0.07 19.54
N ILE B 241 -7.72 -0.27 18.80
CA ILE B 241 -7.43 -1.57 18.13
C ILE B 241 -7.01 -2.59 19.18
N PHE B 242 -6.09 -2.22 20.08
CA PHE B 242 -5.52 -3.11 21.12
C PHE B 242 -5.89 -2.54 22.50
N GLN B 243 -7.06 -2.92 23.03
CA GLN B 243 -7.62 -2.32 24.28
C GLN B 243 -7.51 -3.35 25.41
N GLY B 244 -6.29 -3.53 25.95
CA GLY B 244 -6.04 -4.38 27.12
C GLY B 244 -6.70 -3.82 28.36
N THR B 245 -7.31 -4.68 29.18
CA THR B 245 -7.91 -4.31 30.50
C THR B 245 -6.79 -4.09 31.54
N ASP B 246 -5.59 -4.61 31.27
CA ASP B 246 -4.38 -4.43 32.12
C ASP B 246 -3.15 -4.71 31.24
N HIS B 247 -1.95 -4.55 31.80
CA HIS B 247 -0.66 -4.68 31.07
C HIS B 247 -0.50 -6.11 30.52
N ILE B 248 -1.02 -7.13 31.21
CA ILE B 248 -0.97 -8.55 30.79
C ILE B 248 -1.91 -8.73 29.59
N ASP B 249 -3.13 -8.20 29.69
CA ASP B 249 -4.18 -8.35 28.66
C ASP B 249 -3.78 -7.62 27.37
N GLN B 250 -2.98 -6.55 27.48
CA GLN B 250 -2.51 -5.75 26.31
C GLN B 250 -1.80 -6.68 25.33
N TRP B 251 -0.94 -7.58 25.81
CA TRP B 251 -0.25 -8.59 24.97
C TRP B 251 -1.26 -9.55 24.34
N ASN B 252 -2.25 -10.00 25.11
CA ASN B 252 -3.31 -10.94 24.64
C ASN B 252 -4.03 -10.34 23.43
N LYS B 253 -4.37 -9.04 23.48
CA LYS B 253 -5.11 -8.33 22.40
C LYS B 253 -4.26 -8.26 21.13
N VAL B 254 -2.95 -8.09 21.29
CA VAL B 254 -1.98 -8.09 20.15
C VAL B 254 -2.01 -9.46 19.47
N ILE B 255 -1.71 -10.55 20.19
CA ILE B 255 -1.56 -11.91 19.59
C ILE B 255 -2.92 -12.40 19.09
N GLU B 256 -4.02 -12.05 19.76
CA GLU B 256 -5.39 -12.50 19.36
C GLU B 256 -5.69 -12.04 17.94
N GLN B 257 -5.25 -10.84 17.56
CA GLN B 257 -5.60 -10.20 16.26
C GLN B 257 -4.49 -10.42 15.23
N LEU B 258 -3.21 -10.30 15.62
CA LEU B 258 -2.07 -10.36 14.68
C LEU B 258 -1.45 -11.75 14.65
N GLY B 259 -1.77 -12.60 15.62
CA GLY B 259 -1.24 -13.97 15.72
C GLY B 259 0.05 -14.03 16.53
N THR B 260 0.39 -15.22 17.01
CA THR B 260 1.67 -15.52 17.72
C THR B 260 2.83 -15.05 16.85
N PRO B 261 3.85 -14.35 17.39
CA PRO B 261 4.98 -13.89 16.59
C PRO B 261 5.93 -15.05 16.21
N SER B 262 6.86 -14.78 15.30
CA SER B 262 7.81 -15.76 14.71
C SER B 262 8.79 -16.29 15.77
N ALA B 263 9.43 -17.43 15.47
CA ALA B 263 10.51 -18.06 16.27
C ALA B 263 11.66 -17.07 16.47
N GLU B 264 11.99 -16.27 15.44
CA GLU B 264 13.08 -15.25 15.47
C GLU B 264 12.78 -14.21 16.55
N PHE B 265 11.56 -13.66 16.57
CA PHE B 265 11.14 -12.62 17.54
C PHE B 265 11.25 -13.18 18.96
N MET B 266 10.74 -14.39 19.17
CA MET B 266 10.71 -15.02 20.51
C MET B 266 12.14 -15.38 20.94
N ALA B 267 12.99 -15.80 20.02
CA ALA B 267 14.42 -16.08 20.26
C ALA B 267 15.14 -14.84 20.79
N ALA B 268 14.64 -13.64 20.46
CA ALA B 268 15.22 -12.34 20.86
C ALA B 268 14.78 -11.92 22.28
N LEU B 269 13.77 -12.57 22.87
CA LEU B 269 13.26 -12.21 24.22
C LEU B 269 14.21 -12.75 25.30
N GLN B 270 14.31 -12.04 26.43
CA GLN B 270 14.94 -12.55 27.67
C GLN B 270 14.28 -13.89 28.01
N PRO B 271 15.04 -14.94 28.41
CA PRO B 271 14.46 -16.28 28.62
C PRO B 271 13.17 -16.33 29.45
N THR B 272 13.05 -15.48 30.48
CA THR B 272 11.86 -15.43 31.37
C THR B 272 10.65 -14.90 30.59
N VAL B 273 10.87 -13.91 29.72
CA VAL B 273 9.81 -13.30 28.87
C VAL B 273 9.42 -14.32 27.79
N ARG B 274 10.41 -14.95 27.14
CA ARG B 274 10.20 -15.97 26.07
CA ARG B 274 10.19 -15.96 26.08
C ARG B 274 9.28 -17.07 26.61
N ASN B 275 9.56 -17.54 27.83
CA ASN B 275 8.82 -18.65 28.49
C ASN B 275 7.34 -18.28 28.64
N TYR B 276 7.04 -17.08 29.12
CA TYR B 276 5.65 -16.56 29.20
C TYR B 276 5.04 -16.52 27.79
N VAL B 277 5.72 -15.88 26.84
CA VAL B 277 5.22 -15.64 25.45
C VAL B 277 4.99 -16.98 24.73
N GLU B 278 5.88 -17.96 24.94
CA GLU B 278 5.76 -19.35 24.39
C GLU B 278 4.53 -20.07 24.96
N ASN B 279 4.22 -19.84 26.24
CA ASN B 279 3.20 -20.64 26.99
C ASN B 279 1.80 -20.06 26.78
N ARG B 280 1.69 -18.85 26.23
CA ARG B 280 0.39 -18.26 25.80
C ARG B 280 -0.27 -19.23 24.82
N PRO B 281 -1.61 -19.31 24.76
CA PRO B 281 -2.27 -19.99 23.65
C PRO B 281 -1.77 -19.42 22.30
N LYS B 282 -1.58 -20.29 21.31
CA LYS B 282 -1.22 -19.87 19.92
C LYS B 282 -2.46 -19.28 19.25
N TYR B 283 -2.23 -18.25 18.43
CA TYR B 283 -3.23 -17.62 17.53
C TYR B 283 -2.65 -17.52 16.13
N PRO B 284 -3.44 -17.82 15.07
CA PRO B 284 -2.93 -17.77 13.70
C PRO B 284 -2.83 -16.33 13.20
N GLY B 285 -3.62 -15.43 13.80
CA GLY B 285 -3.77 -14.04 13.34
C GLY B 285 -4.97 -13.91 12.41
N ILE B 286 -5.61 -12.74 12.40
CA ILE B 286 -6.78 -12.42 11.53
C ILE B 286 -6.25 -11.63 10.33
N LYS B 287 -6.63 -12.02 9.11
CA LYS B 287 -6.29 -11.29 7.86
C LYS B 287 -6.77 -9.84 7.97
N PHE B 288 -6.01 -8.89 7.45
CA PHE B 288 -6.30 -7.44 7.53
C PHE B 288 -7.58 -7.12 6.73
N GLU B 289 -7.94 -7.95 5.75
CA GLU B 289 -9.21 -7.83 4.98
C GLU B 289 -10.40 -8.08 5.90
N GLU B 290 -10.24 -8.88 6.97
CA GLU B 290 -11.29 -9.17 7.99
C GLU B 290 -11.26 -8.11 9.10
N LEU B 291 -10.07 -7.74 9.59
CA LEU B 291 -9.91 -6.70 10.64
C LEU B 291 -10.38 -5.34 10.10
N PHE B 292 -10.09 -5.07 8.83
CA PHE B 292 -10.32 -3.76 8.16
C PHE B 292 -10.94 -4.01 6.79
N PRO B 293 -12.26 -4.34 6.73
CA PRO B 293 -12.93 -4.64 5.47
C PRO B 293 -13.03 -3.40 4.57
N ASP B 294 -13.17 -3.62 3.26
CA ASP B 294 -13.25 -2.55 2.24
C ASP B 294 -14.27 -1.48 2.68
N TRP B 295 -15.43 -1.91 3.18
CA TRP B 295 -16.62 -1.04 3.30
C TRP B 295 -16.46 0.01 4.41
N ILE B 296 -15.49 -0.14 5.33
CA ILE B 296 -15.25 0.86 6.40
C ILE B 296 -14.28 1.95 5.90
N PHE B 297 -13.66 1.77 4.74
CA PHE B 297 -12.91 2.82 4.00
C PHE B 297 -13.84 3.42 2.94
N PRO B 298 -13.59 4.66 2.47
CA PRO B 298 -14.38 5.23 1.37
C PRO B 298 -14.32 4.35 0.11
N SER B 299 -15.47 4.12 -0.54
CA SER B 299 -15.69 3.06 -1.57
C SER B 299 -16.40 3.62 -2.81
N GLU B 300 -16.44 4.93 -2.99
CA GLU B 300 -17.30 5.60 -4.00
C GLU B 300 -16.72 5.37 -5.40
N SER B 301 -15.50 5.83 -5.64
CA SER B 301 -14.83 5.86 -6.98
C SER B 301 -13.96 4.62 -7.19
N GLU B 302 -13.47 4.44 -8.41
CA GLU B 302 -12.46 3.41 -8.77
C GLU B 302 -11.13 3.76 -8.10
N ARG B 303 -10.88 5.06 -7.91
CA ARG B 303 -9.68 5.55 -7.18
C ARG B 303 -9.75 5.09 -5.71
N ASP B 304 -10.93 5.13 -5.10
CA ASP B 304 -11.17 4.77 -3.67
C ASP B 304 -10.84 3.30 -3.45
N LYS B 305 -11.22 2.42 -4.40
CA LYS B 305 -10.97 0.97 -4.33
C LYS B 305 -9.46 0.71 -4.30
N ILE B 306 -8.69 1.42 -5.13
CA ILE B 306 -7.22 1.28 -5.22
C ILE B 306 -6.58 1.82 -3.95
N LYS B 307 -7.07 2.96 -3.46
CA LYS B 307 -6.52 3.64 -2.24
C LYS B 307 -6.81 2.79 -0.99
N THR B 308 -7.93 2.05 -0.98
CA THR B 308 -8.30 1.15 0.15
C THR B 308 -7.27 0.03 0.26
N SER B 309 -6.94 -0.63 -0.86
CA SER B 309 -5.86 -1.66 -0.92
C SER B 309 -4.54 -1.06 -0.45
N GLN B 310 -4.24 0.17 -0.88
CA GLN B 310 -3.00 0.89 -0.50
C GLN B 310 -3.03 1.15 1.02
N ALA B 311 -4.13 1.68 1.54
CA ALA B 311 -4.30 2.02 2.98
C ALA B 311 -4.08 0.77 3.83
N ARG B 312 -4.76 -0.33 3.49
CA ARG B 312 -4.69 -1.62 4.23
C ARG B 312 -3.27 -2.18 4.15
N ASP B 313 -2.65 -2.09 2.97
CA ASP B 313 -1.25 -2.56 2.76
C ASP B 313 -0.34 -1.84 3.78
N LEU B 314 -0.40 -0.50 3.83
CA LEU B 314 0.41 0.31 4.77
C LEU B 314 0.10 -0.13 6.21
N LEU B 315 -1.19 -0.29 6.52
CA LEU B 315 -1.65 -0.69 7.88
C LEU B 315 -1.04 -2.05 8.25
N SER B 316 -0.97 -2.99 7.30
CA SER B 316 -0.43 -4.36 7.51
C SER B 316 1.09 -4.33 7.73
N LYS B 317 1.76 -3.25 7.31
CA LYS B 317 3.24 -3.08 7.42
C LYS B 317 3.61 -2.28 8.69
N MET B 318 2.66 -1.56 9.28
CA MET B 318 2.89 -0.78 10.53
C MET B 318 2.55 -1.64 11.75
N LEU B 319 1.43 -2.36 11.72
CA LEU B 319 0.99 -3.24 12.83
C LEU B 319 1.65 -4.62 12.65
N VAL B 320 2.96 -4.64 12.85
CA VAL B 320 3.83 -5.84 12.75
C VAL B 320 4.52 -5.97 14.11
N ILE B 321 4.33 -7.11 14.78
CA ILE B 321 4.85 -7.32 16.17
C ILE B 321 6.36 -7.13 16.16
N ASP B 322 7.05 -7.85 15.27
CA ASP B 322 8.54 -7.87 15.21
C ASP B 322 9.00 -6.55 14.59
N PRO B 323 9.70 -5.67 15.35
CA PRO B 323 10.13 -4.39 14.83
C PRO B 323 11.17 -4.51 13.69
N ASP B 324 11.91 -5.62 13.64
CA ASP B 324 12.86 -5.91 12.54
C ASP B 324 12.09 -6.01 11.22
N LYS B 325 10.80 -6.39 11.24
CA LYS B 325 9.97 -6.58 10.02
C LYS B 325 8.99 -5.42 9.83
N ARG B 326 8.95 -4.46 10.75
CA ARG B 326 7.99 -3.32 10.70
C ARG B 326 8.53 -2.28 9.73
N ILE B 327 7.66 -1.63 8.96
CA ILE B 327 8.05 -0.55 8.00
C ILE B 327 8.72 0.57 8.80
N SER B 328 9.77 1.19 8.22
CA SER B 328 10.43 2.41 8.75
C SER B 328 9.62 3.65 8.37
N VAL B 329 9.91 4.78 9.02
CA VAL B 329 9.28 6.11 8.73
C VAL B 329 9.63 6.52 7.30
N ASP B 330 10.86 6.32 6.85
CA ASP B 330 11.32 6.69 5.48
C ASP B 330 10.52 5.90 4.43
N GLU B 331 10.34 4.59 4.61
CA GLU B 331 9.57 3.71 3.69
CA GLU B 331 9.59 3.75 3.65
C GLU B 331 8.11 4.12 3.68
N ALA B 332 7.54 4.37 4.87
CA ALA B 332 6.12 4.77 5.02
C ALA B 332 5.85 6.05 4.23
N LEU B 333 6.78 7.01 4.26
CA LEU B 333 6.63 8.32 3.56
C LEU B 333 6.70 8.11 2.04
N ARG B 334 7.31 7.01 1.58
CA ARG B 334 7.43 6.64 0.15
C ARG B 334 6.34 5.64 -0.25
N HIS B 335 5.50 5.19 0.68
CA HIS B 335 4.39 4.24 0.39
C HIS B 335 3.38 4.93 -0.53
N PRO B 336 2.84 4.22 -1.56
CA PRO B 336 1.90 4.84 -2.50
C PRO B 336 0.71 5.60 -1.88
N TYR B 337 0.19 5.15 -0.74
CA TYR B 337 -0.95 5.81 -0.03
C TYR B 337 -0.54 7.19 0.47
N ILE B 338 0.72 7.33 0.87
CA ILE B 338 1.26 8.52 1.60
C ILE B 338 1.97 9.46 0.60
N THR B 339 2.73 8.88 -0.32
CA THR B 339 3.77 9.60 -1.12
C THR B 339 3.13 10.58 -2.11
N VAL B 340 1.81 10.54 -2.31
CA VAL B 340 1.08 11.55 -3.16
C VAL B 340 1.23 12.95 -2.56
N TRP B 341 1.58 13.05 -1.28
CA TRP B 341 1.73 14.34 -0.54
C TRP B 341 3.20 14.76 -0.44
N TYR B 342 4.13 13.92 -0.91
CA TYR B 342 5.58 14.06 -0.59
C TYR B 342 6.10 15.40 -1.11
N ASP B 343 6.65 16.21 -0.21
CA ASP B 343 7.36 17.49 -0.49
C ASP B 343 8.65 17.48 0.32
N PRO B 344 9.84 17.48 -0.32
CA PRO B 344 11.11 17.52 0.41
C PRO B 344 11.13 18.55 1.54
N ALA B 345 10.49 19.71 1.35
CA ALA B 345 10.45 20.85 2.29
C ALA B 345 9.82 20.43 3.63
N GLU B 346 8.97 19.40 3.62
CA GLU B 346 8.25 18.88 4.82
C GLU B 346 8.88 17.56 5.27
N ALA B 347 9.20 16.68 4.33
CA ALA B 347 9.64 15.28 4.58
C ALA B 347 11.15 15.22 4.85
N GLU B 348 11.93 16.18 4.33
CA GLU B 348 13.42 16.22 4.48
C GLU B 348 13.85 17.55 5.09
N ALA B 349 12.97 18.18 5.89
CA ALA B 349 13.23 19.47 6.57
C ALA B 349 14.34 19.27 7.59
N PRO B 350 15.59 19.72 7.34
CA PRO B 350 16.73 19.32 8.15
C PRO B 350 16.67 19.95 9.54
N PRO B 351 16.92 19.18 10.63
CA PRO B 351 17.01 19.76 11.97
C PRO B 351 18.27 20.60 12.12
N PRO B 352 18.18 21.84 12.68
CA PRO B 352 19.35 22.67 12.94
C PRO B 352 20.54 22.01 13.68
N GLN B 353 20.27 20.96 14.46
CA GLN B 353 21.33 20.10 15.09
C GLN B 353 20.67 18.83 15.64
N ILE B 354 21.47 17.79 15.90
CA ILE B 354 21.01 16.52 16.55
C ILE B 354 21.17 16.69 18.06
N TYR B 355 20.12 16.40 18.82
CA TYR B 355 20.10 16.41 20.30
C TYR B 355 20.81 15.16 20.82
N ASP B 356 21.62 15.29 21.88
CA ASP B 356 22.34 14.17 22.54
C ASP B 356 21.53 13.72 23.76
N GLU B 363 27.57 18.76 34.21
CA GLU B 363 28.27 19.45 35.33
C GLU B 363 28.95 20.72 34.81
N HIS B 364 28.49 21.90 35.25
CA HIS B 364 29.11 23.23 34.99
C HIS B 364 29.04 24.10 36.25
N ALA B 365 29.91 25.10 36.37
CA ALA B 365 29.79 26.21 37.35
C ALA B 365 28.57 27.07 36.97
N ILE B 366 27.97 27.76 37.94
CA ILE B 366 26.75 28.60 37.73
C ILE B 366 27.04 29.68 36.68
N GLU B 367 28.26 30.23 36.63
CA GLU B 367 28.65 31.28 35.65
C GLU B 367 28.76 30.68 34.23
N GLU B 368 29.16 29.41 34.11
CA GLU B 368 29.24 28.68 32.81
C GLU B 368 27.82 28.42 32.30
N TRP B 369 26.94 27.90 33.17
CA TRP B 369 25.50 27.68 32.87
C TRP B 369 24.87 29.00 32.39
N LYS B 370 25.12 30.09 33.11
CA LYS B 370 24.58 31.44 32.78
C LYS B 370 25.00 31.80 31.35
N GLU B 371 26.30 31.70 31.07
CA GLU B 371 26.92 32.02 29.76
C GLU B 371 26.31 31.13 28.68
N LEU B 372 26.20 29.82 28.94
CA LEU B 372 25.66 28.81 27.98
C LEU B 372 24.19 29.13 27.65
N ILE B 373 23.38 29.43 28.67
CA ILE B 373 21.92 29.76 28.52
C ILE B 373 21.80 31.06 27.72
N TYR B 374 22.51 32.11 28.13
CA TYR B 374 22.49 33.47 27.52
C TYR B 374 22.84 33.38 26.02
N LYS B 375 23.87 32.61 25.67
CA LYS B 375 24.33 32.45 24.27
C LYS B 375 23.22 31.78 23.44
N GLU B 376 22.46 30.88 24.06
CA GLU B 376 21.29 30.21 23.42
C GLU B 376 20.20 31.24 23.13
N VAL B 377 19.96 32.17 24.07
CA VAL B 377 18.95 33.26 23.93
C VAL B 377 19.41 34.22 22.83
N MET B 378 20.71 34.54 22.77
CA MET B 378 21.30 35.50 21.81
C MET B 378 21.21 34.97 20.38
N ASP B 379 21.18 33.65 20.18
CA ASP B 379 21.03 33.01 18.84
C ASP B 379 19.69 33.47 18.21
N TRP B 380 18.65 33.69 19.02
CA TRP B 380 17.33 34.21 18.58
C TRP B 380 17.38 35.73 18.36
N GLU B 381 18.58 36.31 18.31
CA GLU B 381 18.83 37.77 18.17
C GLU B 381 18.17 38.49 19.36
#